data_7MHY
#
_entry.id   7MHY
#
_cell.length_a   1.00
_cell.length_b   1.00
_cell.length_c   1.00
_cell.angle_alpha   90.00
_cell.angle_beta   90.00
_cell.angle_gamma   90.00
#
_symmetry.space_group_name_H-M   'P 1'
#
loop_
_entity.id
_entity.type
_entity.pdbx_description
1 polymer 'Protein-cysteine N-palmitoyltransferase HHAT'
2 polymer '1C06 Fab heavy chain'
3 polymer '1C06 Fab light chain'
4 polymer '3H02 Fab heavy chain'
5 polymer '3H02 Fab light chain'
6 non-polymer 'PROTOPORPHYRIN IX CONTAINING FE'
7 non-polymer Palmitoyl-CoA
8 non-polymer Digitonin
9 water water
#
loop_
_entity_poly.entity_id
_entity_poly.type
_entity_poly.pdbx_seq_one_letter_code
_entity_poly.pdbx_strand_id
1 'polypeptide(L)'
;MLPRWELALYLLASLGFHFYSFYEVYKVSREHEEELDQEFELETDTLFGGLKKDATDFEWSFWMEWGKQWLVWLLLGHMV
VSQMATLLARKHRPWILMLYGMWACWCVLGTPGVAMVLLHTTISFCVAQFRSQLLTWLCSLLLLSTLRLQGVEEVKRRWY
KTENEYYLLQFTLTVRCLYYTSFSLELCWQQLPAASTSYSFPWMLAYVFYYPVLHNGPILSFSEFIKQMQQQEHDSLKAS
LCVLALGLGRLLCWWWLAELMAHLMYMHAIYSSIPLLETVSCWTLGGLALAQVLFFYVKYLVLFGVPALLMRLDGLTPPA
LPRCVSTMFSFTGMWRYFDVGLHNFLIRYVYIPVGGSQHGLLGTLFSTAMTFAFVSYWHGGYDYLWCWAALNWLGVTVEN
GVRRLVETPCIQDSLARYFSPQARRRFHAALASCSTSMLILSNLVFLGGNEVGKTYWNRIFIQGWPWVTLSVLGFLYCYS
HVGIAWAQTYATD
;
A
2 'polypeptide(L)'
;MERHWIFLFLFSVTAGVHSQVQLRQSGAELAKPGASVKMSCKASGYTFTNYWLHWIKQRPGQGLEWIGYISPNTGSTEYS
QKFKDRATLTADKSSSTAYMQLSSLTSEDSAVYYCAGSRITGTWFAYWGQGTLVTVSAAKTTPPSVYPLAPGSAAQTNSM
VTLGCLVKGYFPEPVTVTWNSGSLSSGVHTFPAVLQSDLYTLSSSVTVPSS
;
M
3 'polypeptide(L)'
;MKLPVRLLVLMFWIPASRSDVLMTQTPLSLPVSLGDQVSISCRSSQSIVHSNGNTYLEWYLQKPGQSPKLLIYWVSNRFS
GVPDRFSGSGSGTDFTLKISRVEAEDLGVYYCFQGSHVPWTFGGGTKLEIKRADAAPTVSIFPPSSEQLTSGGASVVCFL
NNFYPKDINVKWKIDGSERQNGVLNSWTDQDSKDSTYSMSSTLTLTK
;
N
4 'polypeptide(L)'
;MDWLWNLLFLMAAAQSAQAQIQLVQSGPELKKPGETVKISCKASGYTFTNYGMNWVRQAPGKGLKWMGWINTYTGEPTYA
DDFKGRFAFSLETSASTAYLQINNLKDEDMATYFCARVWNYDYYFDYWGQGTTLTVSSAKTTPPSVYPLAPGSAAQTNSM
VTLGCLVKGYFPEPVTVTWNSGSLSSGVHTFPAVLQSDLYTLSSSVTVPSS
;
O
5 'polypeptide(L)'
;MKLPVRLLVLMFWIPASRSDVLMTQTPLSLPVSLGDQVSISCRSSQSIVHSNGNTYLEWYLQKPGQSPKLLIYRVSNRFS
GVPDRFSGSGSGTDFTLKISRVEAEDLGVYYCFQGSHVPWTFGGGTKLEIKRADAAPTVSIFPPSSEQLTSGGASVVCFL
NNFYPKDINVKWKIDGSERQNGVLNSWTDQDSKDSTYSMSSTLTLTK
;
P
#
loop_
_chem_comp.id
_chem_comp.type
_chem_comp.name
_chem_comp.formula
AJP non-polymer Digitonin 'C56 H92 O29'
HEM non-polymer 'PROTOPORPHYRIN IX CONTAINING FE' 'C34 H32 Fe N4 O4'
PKZ non-polymer Palmitoyl-CoA 'C37 H66 N7 O17 P3 S'
#
# COMPACT_ATOMS: atom_id res chain seq x y z
N MET A 1 34.89 -7.33 -7.33
CA MET A 1 35.63 -8.55 -7.63
C MET A 1 35.78 -8.79 -9.12
N LEU A 2 34.80 -8.33 -9.90
CA LEU A 2 34.92 -8.45 -11.34
C LEU A 2 36.01 -7.50 -11.84
N PRO A 3 36.59 -7.77 -13.00
CA PRO A 3 37.49 -6.79 -13.60
C PRO A 3 36.76 -5.49 -13.85
N ARG A 4 37.48 -4.37 -13.73
CA ARG A 4 36.82 -3.08 -13.84
C ARG A 4 36.15 -2.91 -15.20
N TRP A 5 36.81 -3.36 -16.26
CA TRP A 5 36.28 -3.11 -17.60
C TRP A 5 35.00 -3.90 -17.85
N GLU A 6 34.92 -5.12 -17.33
CA GLU A 6 33.70 -5.90 -17.51
C GLU A 6 32.50 -5.23 -16.85
N LEU A 7 32.68 -4.74 -15.63
CA LEU A 7 31.59 -4.04 -14.95
C LEU A 7 31.26 -2.73 -15.65
N ALA A 8 32.26 -2.07 -16.21
CA ALA A 8 32.02 -0.85 -16.97
C ALA A 8 31.17 -1.13 -18.20
N LEU A 9 31.43 -2.24 -18.90
CA LEU A 9 30.60 -2.60 -20.05
C LEU A 9 29.16 -2.88 -19.63
N TYR A 10 28.98 -3.54 -18.51
CA TYR A 10 27.63 -3.79 -18.01
C TYR A 10 26.90 -2.49 -17.74
N LEU A 11 27.57 -1.52 -17.11
CA LEU A 11 26.93 -0.24 -16.83
C LEU A 11 26.57 0.50 -18.11
N LEU A 12 27.45 0.45 -19.12
CA LEU A 12 27.14 1.08 -20.40
C LEU A 12 25.93 0.43 -21.05
N ALA A 13 25.86 -0.90 -21.05
CA ALA A 13 24.73 -1.59 -21.64
C ALA A 13 23.44 -1.29 -20.89
N SER A 14 23.51 -1.20 -19.57
CA SER A 14 22.32 -0.92 -18.78
C SER A 14 21.80 0.47 -19.07
N LEU A 15 22.66 1.48 -19.02
CA LEU A 15 22.29 2.84 -19.38
C LEU A 15 21.80 2.91 -20.82
N GLY A 16 22.37 2.09 -21.70
CA GLY A 16 21.96 2.12 -23.09
C GLY A 16 20.51 1.76 -23.32
N PHE A 17 20.03 0.66 -22.74
CA PHE A 17 18.65 0.30 -23.06
C PHE A 17 17.66 1.22 -22.37
N HIS A 18 17.96 1.71 -21.17
CA HIS A 18 17.10 2.73 -20.57
C HIS A 18 16.88 3.91 -21.49
N PHE A 19 17.97 4.51 -21.97
CA PHE A 19 17.83 5.77 -22.70
C PHE A 19 17.29 5.55 -24.11
N TYR A 20 17.68 4.48 -24.78
CA TYR A 20 17.14 4.24 -26.11
C TYR A 20 15.66 3.89 -26.06
N SER A 21 15.26 3.10 -25.07
CA SER A 21 13.85 2.75 -24.94
C SER A 21 13.01 3.99 -24.59
N PHE A 22 13.56 4.90 -23.80
CA PHE A 22 12.88 6.16 -23.53
C PHE A 22 12.68 6.97 -24.81
N TYR A 23 13.69 6.98 -25.69
CA TYR A 23 13.54 7.66 -26.97
C TYR A 23 12.42 7.05 -27.80
N GLU A 24 12.32 5.72 -27.81
CA GLU A 24 11.26 5.07 -28.57
C GLU A 24 9.88 5.47 -28.07
N VAL A 25 9.70 5.52 -26.74
CA VAL A 25 8.42 5.91 -26.17
C VAL A 25 8.11 7.37 -26.47
N TYR A 26 9.11 8.24 -26.43
CA TYR A 26 8.89 9.64 -26.76
C TYR A 26 8.39 9.79 -28.18
N LYS A 27 8.94 9.02 -29.11
CA LYS A 27 8.55 9.13 -30.51
C LYS A 27 7.14 8.61 -30.76
N VAL A 28 6.78 7.47 -30.16
CA VAL A 28 5.42 6.95 -30.31
C VAL A 28 4.39 7.98 -29.84
N SER A 29 4.56 8.51 -28.64
CA SER A 29 3.94 9.80 -28.35
C SER A 29 4.69 10.87 -29.13
N ARG A 30 3.99 11.92 -29.51
CA ARG A 30 4.37 12.85 -30.56
C ARG A 30 4.04 12.29 -31.92
N GLU A 31 3.73 11.00 -32.05
CA GLU A 31 3.13 10.45 -33.25
C GLU A 31 1.63 10.25 -33.10
N HIS A 32 1.15 10.05 -31.89
CA HIS A 32 -0.27 9.85 -31.63
C HIS A 32 -0.81 10.92 -30.70
N GLU A 33 -0.24 12.11 -30.74
CA GLU A 33 -0.70 13.17 -29.86
C GLU A 33 -2.14 13.55 -30.15
N GLU A 34 -2.48 13.67 -31.43
CA GLU A 34 -3.84 14.06 -31.81
C GLU A 34 -4.83 12.95 -31.53
N GLU A 35 -4.43 11.70 -31.77
CA GLU A 35 -5.31 10.58 -31.47
C GLU A 35 -5.53 10.44 -29.96
N LEU A 36 -4.49 10.66 -29.17
CA LEU A 36 -4.60 10.55 -27.72
C LEU A 36 -5.31 11.74 -27.11
N ASP A 37 -5.24 12.90 -27.78
CA ASP A 37 -5.84 14.11 -27.20
C ASP A 37 -7.35 14.03 -27.16
N GLN A 38 -7.97 13.39 -28.15
CA GLN A 38 -9.43 13.34 -28.18
C GLN A 38 -10.03 12.25 -27.30
N GLU A 39 -9.22 11.32 -26.81
CA GLU A 39 -9.70 10.32 -25.87
C GLU A 39 -9.28 10.61 -24.45
N PHE A 40 -8.14 11.24 -24.27
CA PHE A 40 -7.62 11.64 -22.96
C PHE A 40 -7.27 13.11 -23.03
N GLU A 41 -7.73 13.88 -22.07
CA GLU A 41 -7.46 15.31 -22.08
C GLU A 41 -6.01 15.55 -21.70
N LEU A 42 -5.22 16.05 -22.64
CA LEU A 42 -3.82 16.39 -22.38
C LEU A 42 -3.75 17.83 -21.92
N GLU A 43 -3.22 18.05 -20.73
CA GLU A 43 -3.19 19.38 -20.14
C GLU A 43 -2.13 20.24 -20.84
N THR A 44 -2.43 21.54 -20.94
CA THR A 44 -1.55 22.49 -21.57
C THR A 44 -0.98 23.43 -20.52
N ASP A 45 0.34 23.52 -20.45
CA ASP A 45 1.02 24.41 -19.51
C ASP A 45 2.36 24.82 -20.10
N THR A 46 2.88 25.94 -19.59
CA THR A 46 4.10 26.54 -20.10
C THR A 46 5.35 26.03 -19.39
N LEU A 47 5.30 24.83 -18.83
CA LEU A 47 6.42 24.33 -18.04
C LEU A 47 7.56 23.80 -18.89
N PHE A 48 7.28 23.27 -20.08
CA PHE A 48 8.31 22.62 -20.90
C PHE A 48 8.22 23.05 -22.35
N GLY A 49 8.10 24.35 -22.57
CA GLY A 49 8.20 24.88 -23.92
C GLY A 49 7.11 24.43 -24.87
N GLY A 50 5.88 24.28 -24.37
CA GLY A 50 4.76 23.99 -25.24
C GLY A 50 4.36 22.54 -25.35
N LEU A 51 5.03 21.63 -24.65
CA LEU A 51 4.58 20.25 -24.63
C LEU A 51 3.28 20.14 -23.85
N LYS A 52 2.54 19.07 -24.12
CA LYS A 52 1.32 18.76 -23.40
C LYS A 52 1.59 17.61 -22.44
N LYS A 53 1.00 17.69 -21.26
CA LYS A 53 1.20 16.70 -20.21
C LYS A 53 0.06 15.68 -20.21
N ASP A 54 0.41 14.42 -20.02
CA ASP A 54 -0.57 13.38 -19.80
C ASP A 54 -0.90 13.32 -18.31
N ALA A 55 -2.18 13.48 -17.98
CA ALA A 55 -2.64 13.53 -16.60
C ALA A 55 -3.60 12.40 -16.30
N THR A 56 -3.27 11.21 -16.77
CA THR A 56 -4.16 10.06 -16.71
C THR A 56 -3.91 9.17 -15.49
N ASP A 57 -2.77 9.33 -14.83
CA ASP A 57 -2.39 8.43 -13.75
C ASP A 57 -3.41 8.41 -12.61
N PHE A 58 -4.04 9.55 -12.34
CA PHE A 58 -5.04 9.78 -11.30
C PHE A 58 -4.43 9.86 -9.91
N GLU A 59 -3.21 9.40 -9.72
CA GLU A 59 -2.66 9.52 -8.39
C GLU A 59 -1.84 10.79 -8.31
N TRP A 60 -0.97 11.00 -9.30
CA TRP A 60 -0.27 12.27 -9.43
C TRP A 60 -1.25 13.44 -9.47
N SER A 61 -2.26 13.35 -10.33
CA SER A 61 -3.18 14.47 -10.52
C SER A 61 -4.02 14.73 -9.28
N PHE A 62 -4.53 13.67 -8.64
CA PHE A 62 -5.34 13.83 -7.44
C PHE A 62 -4.56 14.54 -6.33
N TRP A 63 -3.37 14.06 -6.01
CA TRP A 63 -2.60 14.63 -4.92
C TRP A 63 -2.04 16.00 -5.27
N MET A 64 -1.75 16.25 -6.54
CA MET A 64 -1.30 17.58 -6.96
C MET A 64 -2.40 18.61 -6.82
N GLU A 65 -3.65 18.25 -7.15
CA GLU A 65 -4.74 19.18 -6.98
C GLU A 65 -5.01 19.50 -5.52
N TRP A 66 -5.05 18.47 -4.67
CA TRP A 66 -5.27 18.71 -3.24
C TRP A 66 -4.15 19.54 -2.64
N GLY A 67 -2.92 19.33 -3.11
CA GLY A 67 -1.80 20.12 -2.62
C GLY A 67 -1.85 21.58 -3.02
N LYS A 68 -2.22 21.86 -4.27
CA LYS A 68 -2.33 23.25 -4.71
C LYS A 68 -3.41 23.98 -3.95
N GLN A 69 -4.53 23.31 -3.69
CA GLN A 69 -5.66 23.98 -3.06
C GLN A 69 -5.49 24.09 -1.55
N TRP A 70 -5.30 22.96 -0.88
CA TRP A 70 -5.40 22.93 0.57
C TRP A 70 -4.14 22.42 1.26
N LEU A 71 -3.56 21.34 0.77
CA LEU A 71 -2.68 20.55 1.63
C LEU A 71 -1.38 21.28 1.94
N VAL A 72 -0.85 22.05 0.98
CA VAL A 72 0.44 22.70 1.20
C VAL A 72 0.32 23.71 2.33
N TRP A 73 -0.78 24.46 2.37
CA TRP A 73 -0.99 25.44 3.43
C TRP A 73 -1.13 24.76 4.78
N LEU A 74 -1.83 23.62 4.82
CA LEU A 74 -2.02 22.94 6.10
C LEU A 74 -0.73 22.31 6.60
N LEU A 75 0.07 21.73 5.70
CA LEU A 75 1.37 21.19 6.09
C LEU A 75 2.30 22.30 6.57
N LEU A 76 2.31 23.42 5.85
CA LEU A 76 3.13 24.55 6.26
C LEU A 76 2.67 25.09 7.60
N GLY A 77 1.37 25.12 7.82
CA GLY A 77 0.85 25.49 9.13
C GLY A 77 1.29 24.56 10.24
N HIS A 78 1.38 23.26 9.94
CA HIS A 78 1.84 22.30 10.95
C HIS A 78 3.26 22.61 11.40
N MET A 79 4.16 22.89 10.47
CA MET A 79 5.54 23.15 10.86
C MET A 79 5.66 24.47 11.61
N VAL A 80 4.87 25.47 11.23
CA VAL A 80 4.86 26.72 11.97
C VAL A 80 4.37 26.48 13.39
N VAL A 81 3.27 25.75 13.54
CA VAL A 81 2.69 25.53 14.86
C VAL A 81 3.58 24.64 15.71
N SER A 82 4.20 23.64 15.09
CA SER A 82 5.11 22.75 15.81
C SER A 82 6.31 23.50 16.36
N GLN A 83 6.89 24.39 15.56
CA GLN A 83 8.01 25.19 16.04
C GLN A 83 7.60 26.09 17.19
N MET A 84 6.44 26.71 17.11
CA MET A 84 5.97 27.58 18.20
C MET A 84 5.79 26.79 19.48
N ALA A 85 5.25 25.58 19.39
CA ALA A 85 5.06 24.75 20.57
C ALA A 85 6.39 24.42 21.24
N THR A 86 7.38 24.05 20.45
CA THR A 86 8.69 23.72 21.01
C THR A 86 9.33 24.92 21.69
N LEU A 87 9.25 26.09 21.09
CA LEU A 87 9.84 27.28 21.71
C LEU A 87 9.10 27.66 22.99
N LEU A 88 7.77 27.59 22.99
CA LEU A 88 7.00 28.12 24.10
C LEU A 88 6.74 27.07 25.17
N ALA A 89 6.06 25.98 24.82
CA ALA A 89 5.68 24.97 25.80
C ALA A 89 5.93 23.59 25.19
N ARG A 90 7.14 23.06 25.38
CA ARG A 90 7.51 21.81 24.73
C ARG A 90 6.91 20.59 25.41
N LYS A 91 6.62 20.68 26.71
CA LYS A 91 6.08 19.51 27.40
C LYS A 91 4.70 19.14 26.86
N HIS A 92 3.92 20.14 26.45
CA HIS A 92 2.56 19.92 25.97
C HIS A 92 2.49 19.76 24.47
N ARG A 93 3.63 19.67 23.80
CA ARG A 93 3.65 19.63 22.34
C ARG A 93 2.81 18.51 21.74
N PRO A 94 2.82 17.28 22.24
CA PRO A 94 2.00 16.24 21.59
C PRO A 94 0.53 16.57 21.50
N TRP A 95 -0.04 17.17 22.53
CA TRP A 95 -1.46 17.48 22.51
C TRP A 95 -1.77 18.64 21.58
N ILE A 96 -0.88 19.63 21.50
CA ILE A 96 -1.05 20.73 20.55
C ILE A 96 -1.03 20.21 19.12
N LEU A 97 -0.09 19.33 18.80
CA LEU A 97 -0.03 18.76 17.47
C LEU A 97 -1.26 17.92 17.16
N MET A 98 -1.76 17.18 18.15
CA MET A 98 -2.97 16.40 17.96
C MET A 98 -4.16 17.30 17.69
N LEU A 99 -4.25 18.40 18.42
CA LEU A 99 -5.35 19.35 18.25
C LEU A 99 -5.30 19.99 16.88
N TYR A 100 -4.12 20.34 16.39
CA TYR A 100 -3.99 20.87 15.04
C TYR A 100 -4.39 19.83 14.00
N GLY A 101 -4.04 18.57 14.21
CA GLY A 101 -4.44 17.53 13.28
C GLY A 101 -5.94 17.35 13.16
N MET A 102 -6.65 17.43 14.28
CA MET A 102 -8.11 17.37 14.24
C MET A 102 -8.67 18.54 13.44
N TRP A 103 -8.15 19.75 13.67
CA TRP A 103 -8.66 20.91 12.95
C TRP A 103 -8.36 20.84 11.47
N ALA A 104 -7.17 20.37 11.11
CA ALA A 104 -6.81 20.25 9.70
C ALA A 104 -7.65 19.20 9.01
N CYS A 105 -7.87 18.06 9.65
CA CYS A 105 -8.77 17.06 9.10
C CYS A 105 -10.17 17.63 8.88
N TRP A 106 -10.66 18.43 9.82
CA TRP A 106 -11.98 19.05 9.70
C TRP A 106 -12.06 20.01 8.52
N CYS A 107 -11.13 20.95 8.42
CA CYS A 107 -11.27 21.96 7.38
C CYS A 107 -11.12 21.41 5.97
N VAL A 108 -10.65 20.18 5.80
CA VAL A 108 -10.67 19.50 4.52
C VAL A 108 -11.87 18.59 4.37
N LEU A 109 -12.14 17.75 5.36
CA LEU A 109 -13.10 16.66 5.20
C LEU A 109 -14.38 16.85 6.00
N GLY A 110 -14.63 18.05 6.51
CA GLY A 110 -15.88 18.30 7.21
C GLY A 110 -15.99 17.56 8.53
N THR A 111 -17.15 17.76 9.17
CA THR A 111 -17.47 16.99 10.36
C THR A 111 -17.46 15.49 10.10
N PRO A 112 -18.00 14.97 8.99
CA PRO A 112 -17.98 13.52 8.80
C PRO A 112 -16.59 12.92 8.81
N GLY A 113 -15.59 13.64 8.28
CA GLY A 113 -14.25 13.10 8.24
C GLY A 113 -13.66 12.90 9.62
N VAL A 114 -13.69 13.95 10.45
CA VAL A 114 -13.22 13.84 11.83
C VAL A 114 -14.05 12.82 12.59
N ALA A 115 -15.37 12.83 12.38
CA ALA A 115 -16.26 11.92 13.08
C ALA A 115 -15.94 10.47 12.78
N MET A 116 -15.69 10.14 11.51
CA MET A 116 -15.46 8.74 11.17
C MET A 116 -14.09 8.27 11.64
N VAL A 117 -13.06 9.12 11.56
CA VAL A 117 -11.75 8.76 12.09
C VAL A 117 -11.84 8.46 13.58
N LEU A 118 -12.54 9.32 14.32
CA LEU A 118 -12.71 9.12 15.76
C LEU A 118 -13.47 7.83 16.06
N LEU A 119 -14.51 7.53 15.28
CA LEU A 119 -15.29 6.34 15.52
C LEU A 119 -14.46 5.07 15.32
N HIS A 120 -13.67 5.01 14.25
CA HIS A 120 -12.81 3.86 14.03
C HIS A 120 -11.82 3.70 15.17
N THR A 121 -11.18 4.80 15.58
CA THR A 121 -10.20 4.76 16.65
C THR A 121 -10.82 4.30 17.98
N THR A 122 -12.04 4.77 18.27
CA THR A 122 -12.69 4.42 19.53
C THR A 122 -13.08 2.95 19.59
N ILE A 123 -13.64 2.42 18.50
CA ILE A 123 -13.99 1.01 18.47
C ILE A 123 -12.75 0.14 18.64
N SER A 124 -11.67 0.51 17.96
CA SER A 124 -10.42 -0.23 18.06
C SER A 124 -9.86 -0.21 19.48
N PHE A 125 -9.88 0.94 20.13
CA PHE A 125 -9.38 1.06 21.50
C PHE A 125 -10.16 0.19 22.46
N CYS A 126 -11.49 0.21 22.37
CA CYS A 126 -12.33 -0.56 23.28
C CYS A 126 -12.14 -2.06 23.10
N VAL A 127 -11.99 -2.52 21.86
CA VAL A 127 -11.74 -3.93 21.62
C VAL A 127 -10.35 -4.32 22.10
N ALA A 128 -9.38 -3.40 21.98
CA ALA A 128 -8.04 -3.70 22.43
C ALA A 128 -7.97 -3.90 23.93
N GLN A 129 -8.89 -3.31 24.68
CA GLN A 129 -8.95 -3.50 26.12
C GLN A 129 -9.07 -4.97 26.52
N PHE A 130 -9.28 -5.86 25.56
CA PHE A 130 -9.41 -7.28 25.84
C PHE A 130 -8.08 -8.02 25.82
N ARG A 131 -7.03 -7.40 25.30
CA ARG A 131 -5.69 -7.98 25.25
C ARG A 131 -5.70 -9.32 24.51
N SER A 132 -6.20 -9.31 23.29
CA SER A 132 -6.21 -10.48 22.44
C SER A 132 -5.71 -10.10 21.05
N GLN A 133 -4.77 -10.89 20.53
CA GLN A 133 -4.30 -10.69 19.17
C GLN A 133 -5.43 -10.91 18.17
N LEU A 134 -6.15 -12.02 18.34
CA LEU A 134 -7.14 -12.41 17.35
C LEU A 134 -8.28 -11.40 17.26
N LEU A 135 -8.80 -10.97 18.41
CA LEU A 135 -9.90 -10.02 18.40
C LEU A 135 -9.51 -8.70 17.77
N THR A 136 -8.32 -8.21 18.07
CA THR A 136 -7.85 -6.97 17.47
C THR A 136 -7.75 -7.09 15.96
N TRP A 137 -7.20 -8.19 15.46
CA TRP A 137 -7.07 -8.33 14.01
C TRP A 137 -8.45 -8.46 13.35
N LEU A 138 -9.38 -9.20 13.96
CA LEU A 138 -10.72 -9.28 13.40
C LEU A 138 -11.41 -7.92 13.38
N CYS A 139 -11.27 -7.14 14.46
CA CYS A 139 -11.89 -5.83 14.50
C CYS A 139 -11.35 -4.92 13.42
N SER A 140 -10.02 -4.93 13.22
CA SER A 140 -9.42 -4.12 12.17
C SER A 140 -9.89 -4.56 10.79
N LEU A 141 -9.99 -5.87 10.57
CA LEU A 141 -10.43 -6.38 9.28
C LEU A 141 -11.87 -5.99 8.97
N LEU A 142 -12.74 -6.05 9.98
CA LEU A 142 -14.13 -5.64 9.78
C LEU A 142 -14.23 -4.15 9.47
N LEU A 143 -13.47 -3.33 10.18
CA LEU A 143 -13.49 -1.89 9.91
C LEU A 143 -12.99 -1.59 8.51
N LEU A 144 -11.95 -2.29 8.07
CA LEU A 144 -11.45 -2.12 6.71
C LEU A 144 -12.49 -2.55 5.69
N SER A 145 -13.19 -3.64 5.95
CA SER A 145 -14.19 -4.13 5.01
C SER A 145 -15.32 -3.13 4.83
N THR A 146 -15.73 -2.45 5.91
CA THR A 146 -16.83 -1.50 5.82
C THR A 146 -16.55 -0.40 4.82
N LEU A 147 -15.27 -0.09 4.59
CA LEU A 147 -14.95 0.94 3.60
C LEU A 147 -15.42 0.53 2.22
N ARG A 148 -15.20 -0.72 1.86
CA ARG A 148 -15.51 -1.25 0.54
C ARG A 148 -16.81 -2.06 0.54
N LEU A 149 -17.90 -1.37 0.82
CA LEU A 149 -19.25 -1.89 0.67
C LEU A 149 -20.10 -0.89 -0.11
N GLN A 150 -21.07 -1.42 -0.85
CA GLN A 150 -21.86 -0.57 -1.74
C GLN A 150 -22.71 0.42 -0.96
N GLY A 151 -23.47 -0.07 0.02
CA GLY A 151 -24.37 0.81 0.75
C GLY A 151 -23.65 1.87 1.55
N VAL A 152 -22.55 1.48 2.20
CA VAL A 152 -21.74 2.47 2.92
C VAL A 152 -21.21 3.52 1.96
N GLU A 153 -20.77 3.10 0.77
CA GLU A 153 -20.23 4.03 -0.20
C GLU A 153 -21.26 5.05 -0.66
N GLU A 154 -22.49 4.62 -0.89
CA GLU A 154 -23.54 5.56 -1.28
C GLU A 154 -23.78 6.59 -0.18
N VAL A 155 -23.87 6.14 1.07
CA VAL A 155 -24.09 7.06 2.17
C VAL A 155 -22.94 8.06 2.28
N LYS A 156 -21.71 7.59 2.13
CA LYS A 156 -20.53 8.47 2.20
C LYS A 156 -20.52 9.52 1.10
N ARG A 157 -20.85 9.14 -0.12
CA ARG A 157 -20.82 10.08 -1.23
C ARG A 157 -21.82 11.22 -1.05
N ARG A 158 -22.97 10.95 -0.42
CA ARG A 158 -23.93 12.00 -0.16
C ARG A 158 -23.42 13.07 0.79
N TRP A 159 -22.35 12.80 1.53
CA TRP A 159 -21.86 13.76 2.50
C TRP A 159 -21.09 14.89 1.82
N TYR A 160 -20.48 14.63 0.68
CA TYR A 160 -19.61 15.58 0.02
C TYR A 160 -20.21 15.99 -1.31
N LYS A 161 -19.69 17.07 -1.86
CA LYS A 161 -20.29 17.69 -3.04
C LYS A 161 -19.49 17.49 -4.32
N THR A 162 -18.34 16.82 -4.28
CA THR A 162 -17.51 16.79 -5.48
C THR A 162 -16.84 15.47 -5.82
N GLU A 163 -16.97 14.42 -4.99
CA GLU A 163 -16.43 13.10 -5.26
C GLU A 163 -14.91 13.10 -5.16
N ASN A 164 -14.33 14.30 -5.11
CA ASN A 164 -12.91 14.44 -4.88
C ASN A 164 -12.63 14.36 -3.39
N GLU A 165 -13.52 14.97 -2.59
CA GLU A 165 -13.46 14.86 -1.15
C GLU A 165 -13.82 13.46 -0.67
N TYR A 166 -14.73 12.77 -1.37
CA TYR A 166 -15.04 11.40 -1.00
C TYR A 166 -13.82 10.50 -1.16
N TYR A 167 -13.06 10.67 -2.23
CA TYR A 167 -11.83 9.90 -2.40
C TYR A 167 -10.82 10.19 -1.30
N LEU A 168 -10.72 11.45 -0.89
CA LEU A 168 -9.80 11.79 0.19
C LEU A 168 -10.17 11.09 1.49
N LEU A 169 -11.46 11.00 1.80
CA LEU A 169 -11.86 10.28 3.00
C LEU A 169 -11.48 8.81 2.92
N GLN A 170 -11.68 8.20 1.75
CA GLN A 170 -11.32 6.81 1.57
C GLN A 170 -9.83 6.60 1.79
N PHE A 171 -8.99 7.45 1.19
CA PHE A 171 -7.55 7.34 1.40
C PHE A 171 -7.20 7.49 2.87
N THR A 172 -7.77 8.49 3.54
CA THR A 172 -7.45 8.76 4.93
C THR A 172 -7.84 7.61 5.84
N LEU A 173 -9.04 7.06 5.66
CA LEU A 173 -9.49 5.96 6.50
C LEU A 173 -8.65 4.71 6.30
N THR A 174 -8.27 4.42 5.04
CA THR A 174 -7.45 3.25 4.77
C THR A 174 -6.09 3.34 5.47
N VAL A 175 -5.50 4.53 5.51
CA VAL A 175 -4.23 4.69 6.20
C VAL A 175 -4.41 4.60 7.71
N ARG A 176 -5.49 5.18 8.24
CA ARG A 176 -5.68 5.20 9.69
C ARG A 176 -5.83 3.79 10.23
N CYS A 177 -6.32 2.85 9.41
CA CYS A 177 -6.43 1.47 9.82
C CYS A 177 -5.10 0.94 10.38
N LEU A 178 -4.02 1.18 9.65
CA LEU A 178 -2.73 0.65 10.08
C LEU A 178 -2.28 1.28 11.39
N TYR A 179 -2.51 2.58 11.55
CA TYR A 179 -2.09 3.26 12.77
C TYR A 179 -2.79 2.71 14.01
N TYR A 180 -4.12 2.61 13.98
CA TYR A 180 -4.79 2.15 15.19
C TYR A 180 -4.65 0.65 15.38
N THR A 181 -4.47 -0.12 14.31
CA THR A 181 -4.15 -1.54 14.46
C THR A 181 -2.81 -1.72 15.15
N SER A 182 -1.82 -0.94 14.75
CA SER A 182 -0.50 -1.01 15.37
C SER A 182 -0.58 -0.68 16.86
N PHE A 183 -1.29 0.39 17.21
CA PHE A 183 -1.43 0.76 18.61
C PHE A 183 -2.11 -0.32 19.43
N SER A 184 -3.18 -0.89 18.89
CA SER A 184 -3.95 -1.89 19.62
C SER A 184 -3.15 -3.17 19.85
N LEU A 185 -2.38 -3.60 18.86
CA LEU A 185 -1.57 -4.80 19.03
C LEU A 185 -0.46 -4.59 20.04
N GLU A 186 0.19 -3.42 20.02
CA GLU A 186 1.23 -3.11 21.00
C GLU A 186 0.66 -3.07 22.41
N LEU A 187 -0.57 -2.57 22.56
CA LEU A 187 -1.25 -2.60 23.85
C LEU A 187 -1.50 -4.03 24.31
N CYS A 188 -1.85 -4.92 23.37
CA CYS A 188 -2.09 -6.31 23.73
C CYS A 188 -0.82 -7.02 24.17
N TRP A 189 0.34 -6.58 23.69
CA TRP A 189 1.61 -7.21 24.00
C TRP A 189 2.35 -6.55 25.15
N GLN A 190 1.83 -5.48 25.72
CA GLN A 190 2.60 -4.73 26.71
C GLN A 190 2.75 -5.52 27.98
N GLN A 191 3.98 -5.61 28.49
CA GLN A 191 4.21 -6.33 29.74
C GLN A 191 5.13 -5.62 30.71
N LEU A 192 5.90 -4.64 30.29
CA LEU A 192 6.83 -3.91 31.12
C LEU A 192 6.10 -2.82 31.93
N PRO A 193 6.50 -2.59 33.17
CA PRO A 193 5.78 -1.57 33.97
C PRO A 193 5.90 -0.17 33.39
N ALA A 194 7.12 0.27 33.08
CA ALA A 194 7.32 1.64 32.63
C ALA A 194 6.59 1.95 31.35
N ALA A 195 6.29 0.94 30.54
CA ALA A 195 5.59 1.16 29.28
C ALA A 195 4.09 1.26 29.42
N SER A 196 3.53 0.92 30.58
CA SER A 196 2.07 0.92 30.74
C SER A 196 1.47 2.29 30.52
N THR A 197 2.18 3.36 30.87
CA THR A 197 1.63 4.70 30.75
C THR A 197 1.54 5.21 29.33
N SER A 198 2.11 4.49 28.36
CA SER A 198 2.15 4.97 26.99
C SER A 198 1.01 4.42 26.14
N TYR A 199 0.01 3.80 26.75
CA TYR A 199 -1.10 3.21 26.01
C TYR A 199 -2.42 3.73 26.56
N SER A 200 -2.47 5.03 26.78
CA SER A 200 -3.71 5.69 27.15
C SER A 200 -4.42 6.20 25.91
N PHE A 201 -5.71 6.46 26.05
CA PHE A 201 -6.49 6.99 24.93
C PHE A 201 -5.94 8.30 24.40
N PRO A 202 -5.49 9.26 25.22
CA PRO A 202 -4.85 10.45 24.64
C PRO A 202 -3.65 10.15 23.76
N TRP A 203 -2.83 9.17 24.11
CA TRP A 203 -1.68 8.83 23.26
C TRP A 203 -2.13 8.23 21.93
N MET A 204 -3.18 7.41 21.96
CA MET A 204 -3.71 6.88 20.70
C MET A 204 -4.21 7.98 19.79
N LEU A 205 -4.92 8.96 20.35
CA LEU A 205 -5.43 10.07 19.56
C LEU A 205 -4.29 10.90 18.98
N ALA A 206 -3.25 11.15 19.76
CA ALA A 206 -2.12 11.93 19.25
C ALA A 206 -1.40 11.19 18.12
N TYR A 207 -1.27 9.87 18.25
CA TYR A 207 -0.67 9.06 17.19
C TYR A 207 -1.52 9.08 15.93
N VAL A 208 -2.85 8.99 16.08
CA VAL A 208 -3.72 8.92 14.91
C VAL A 208 -3.84 10.28 14.22
N PHE A 209 -4.01 11.35 15.00
CA PHE A 209 -4.16 12.69 14.41
C PHE A 209 -2.82 13.42 14.33
N TYR A 210 -1.80 12.77 13.81
CA TYR A 210 -0.51 13.41 13.55
C TYR A 210 -0.49 13.79 12.08
N TYR A 211 -0.55 15.09 11.81
CA TYR A 211 -0.95 15.54 10.47
C TYR A 211 -0.03 15.14 9.34
N PRO A 212 1.31 15.21 9.45
CA PRO A 212 2.16 14.87 8.30
C PRO A 212 1.85 13.53 7.64
N VAL A 213 1.24 12.60 8.36
CA VAL A 213 1.00 11.27 7.83
C VAL A 213 -0.50 10.94 7.79
N LEU A 214 -1.36 11.94 7.87
CA LEU A 214 -2.79 11.68 8.07
C LEU A 214 -3.46 11.14 6.81
N HIS A 215 -3.19 11.72 5.64
CA HIS A 215 -3.97 11.41 4.46
C HIS A 215 -3.40 10.23 3.69
N ASN A 216 -2.12 10.25 3.39
CA ASN A 216 -1.50 9.18 2.64
C ASN A 216 -0.19 8.72 3.25
N GLY A 217 0.40 9.48 4.16
CA GLY A 217 1.77 9.33 4.59
C GLY A 217 2.10 7.93 5.06
N PRO A 218 3.39 7.61 5.04
CA PRO A 218 3.82 6.25 5.39
C PRO A 218 3.50 5.89 6.84
N ILE A 219 3.31 4.61 7.07
CA ILE A 219 3.16 4.12 8.44
C ILE A 219 4.45 4.38 9.22
N LEU A 220 4.30 5.08 10.33
CA LEU A 220 5.37 5.38 11.26
C LEU A 220 5.15 4.55 12.51
N SER A 221 6.20 3.91 13.00
CA SER A 221 6.06 3.02 14.15
C SER A 221 5.65 3.80 15.38
N PHE A 222 4.82 3.18 16.22
CA PHE A 222 4.37 3.83 17.44
C PHE A 222 5.51 4.01 18.43
N SER A 223 6.49 3.11 18.39
CA SER A 223 7.61 3.18 19.33
C SER A 223 8.45 4.42 19.09
N GLU A 224 8.76 4.71 17.82
CA GLU A 224 9.51 5.92 17.50
C GLU A 224 8.73 7.18 17.87
N PHE A 225 7.42 7.19 17.58
CA PHE A 225 6.60 8.35 17.86
C PHE A 225 6.58 8.70 19.35
N ILE A 226 6.33 7.70 20.20
CA ILE A 226 6.22 7.95 21.63
C ILE A 226 7.56 8.36 22.23
N LYS A 227 8.66 7.79 21.72
CA LYS A 227 9.98 8.13 22.26
C LYS A 227 10.34 9.58 21.99
N GLN A 228 10.07 10.07 20.79
CA GLN A 228 10.44 11.45 20.48
C GLN A 228 9.49 12.45 21.10
N MET A 229 8.19 12.13 21.17
CA MET A 229 7.25 13.11 21.71
C MET A 229 7.43 13.32 23.21
N GLN A 230 8.24 12.51 23.88
CA GLN A 230 8.52 12.67 25.30
C GLN A 230 9.96 13.12 25.55
N GLN A 231 10.65 13.60 24.52
CA GLN A 231 12.07 13.86 24.62
C GLN A 231 12.37 15.13 25.41
N GLN A 232 11.64 16.21 25.14
CA GLN A 232 11.90 17.51 25.76
C GLN A 232 13.36 17.93 25.61
N GLU A 233 13.92 17.74 24.42
CA GLU A 233 15.27 18.20 24.10
C GLU A 233 15.28 18.64 22.63
N HIS A 234 15.00 19.92 22.42
CA HIS A 234 14.90 20.46 21.06
C HIS A 234 16.27 20.48 20.39
N ASP A 235 16.29 20.89 19.12
CA ASP A 235 17.44 20.69 18.25
C ASP A 235 17.81 21.96 17.48
N SER A 236 17.96 23.07 18.20
CA SER A 236 18.66 24.24 17.67
C SER A 236 17.99 24.80 16.40
N LEU A 237 16.86 25.48 16.62
CA LEU A 237 15.97 25.97 15.58
C LEU A 237 16.68 26.44 14.31
N LYS A 238 17.85 27.07 14.45
CA LYS A 238 18.63 27.44 13.28
C LYS A 238 18.95 26.22 12.42
N ALA A 239 19.29 25.10 13.06
CA ALA A 239 19.57 23.88 12.31
C ALA A 239 18.33 23.37 11.57
N SER A 240 17.17 23.47 12.22
CA SER A 240 15.93 23.06 11.57
C SER A 240 15.64 23.92 10.35
N LEU A 241 15.86 25.24 10.47
CA LEU A 241 15.72 26.09 9.30
C LEU A 241 16.71 25.70 8.21
N CYS A 242 17.90 25.26 8.60
CA CYS A 242 18.89 24.81 7.63
C CYS A 242 18.43 23.54 6.90
N VAL A 243 17.87 22.57 7.62
CA VAL A 243 17.52 21.32 6.96
C VAL A 243 16.28 21.49 6.09
N LEU A 244 15.40 22.43 6.44
CA LEU A 244 14.21 22.66 5.62
C LEU A 244 14.60 23.10 4.22
N ALA A 245 15.57 24.01 4.12
CA ALA A 245 15.98 24.52 2.81
C ALA A 245 16.56 23.43 1.92
N LEU A 246 17.42 22.58 2.48
CA LEU A 246 18.00 21.50 1.70
C LEU A 246 16.93 20.51 1.24
N GLY A 247 16.00 20.17 2.13
CA GLY A 247 14.91 19.28 1.76
C GLY A 247 14.04 19.83 0.65
N LEU A 248 13.76 21.13 0.69
CA LEU A 248 12.95 21.75 -0.35
C LEU A 248 13.62 21.68 -1.70
N GLY A 249 14.94 21.88 -1.75
CA GLY A 249 15.64 21.74 -3.02
C GLY A 249 15.47 20.36 -3.62
N ARG A 250 15.68 19.32 -2.83
CA ARG A 250 15.55 17.96 -3.36
C ARG A 250 14.12 17.63 -3.74
N LEU A 251 13.13 18.08 -2.95
CA LEU A 251 11.74 17.81 -3.28
C LEU A 251 11.33 18.49 -4.57
N LEU A 252 11.78 19.72 -4.79
CA LEU A 252 11.45 20.41 -6.02
C LEU A 252 12.11 19.76 -7.23
N CYS A 253 13.33 19.27 -7.07
CA CYS A 253 13.98 18.52 -8.14
C CYS A 253 13.19 17.27 -8.51
N TRP A 254 12.73 16.52 -7.50
CA TRP A 254 11.96 15.31 -7.77
C TRP A 254 10.65 15.63 -8.49
N TRP A 255 9.96 16.69 -8.06
CA TRP A 255 8.70 17.06 -8.71
C TRP A 255 8.92 17.46 -10.16
N TRP A 256 9.97 18.23 -10.43
CA TRP A 256 10.27 18.63 -11.79
C TRP A 256 10.58 17.42 -12.67
N LEU A 257 11.31 16.45 -12.12
CA LEU A 257 11.63 15.24 -12.86
C LEU A 257 10.37 14.46 -13.21
N ALA A 258 9.45 14.32 -12.26
CA ALA A 258 8.20 13.62 -12.54
C ALA A 258 7.37 14.35 -13.59
N GLU A 259 7.32 15.68 -13.51
CA GLU A 259 6.59 16.47 -14.50
C GLU A 259 7.20 16.31 -15.88
N LEU A 260 8.52 16.30 -15.96
CA LEU A 260 9.22 16.10 -17.23
C LEU A 260 8.85 14.76 -17.86
N MET A 261 8.84 13.70 -17.06
CA MET A 261 8.49 12.38 -17.59
C MET A 261 7.09 12.35 -18.15
N ALA A 262 6.15 13.03 -17.48
CA ALA A 262 4.78 13.09 -17.97
C ALA A 262 4.64 13.90 -19.26
N HIS A 263 5.46 14.94 -19.43
CA HIS A 263 5.37 15.75 -20.63
C HIS A 263 5.98 15.05 -21.83
N LEU A 264 6.99 14.21 -21.61
CA LEU A 264 7.72 13.59 -22.70
C LEU A 264 7.14 12.26 -23.12
N MET A 265 6.56 11.49 -22.21
CA MET A 265 6.09 10.13 -22.51
C MET A 265 4.70 9.95 -21.93
N TYR A 266 3.72 9.71 -22.81
CA TYR A 266 2.33 9.53 -22.38
C TYR A 266 2.07 8.07 -22.02
N MET A 267 2.82 7.60 -21.03
CA MET A 267 2.80 6.19 -20.67
C MET A 267 1.45 5.79 -20.08
N HIS A 268 0.82 6.67 -19.32
CA HIS A 268 -0.44 6.32 -18.68
C HIS A 268 -1.60 6.30 -19.68
N ALA A 269 -1.65 7.27 -20.58
CA ALA A 269 -2.64 7.24 -21.64
C ALA A 269 -2.46 6.02 -22.55
N ILE A 270 -1.22 5.59 -22.78
CA ILE A 270 -0.95 4.46 -23.66
C ILE A 270 -1.36 3.14 -23.03
N TYR A 271 -1.11 2.95 -21.73
CA TYR A 271 -1.67 1.75 -21.12
C TYR A 271 -3.18 1.72 -21.09
N SER A 272 -3.84 2.88 -21.13
CA SER A 272 -5.28 2.87 -21.23
C SER A 272 -5.78 2.55 -22.64
N SER A 273 -4.89 2.46 -23.62
CA SER A 273 -5.25 2.19 -25.01
C SER A 273 -4.69 0.82 -25.40
N ILE A 274 -5.48 -0.22 -25.12
CA ILE A 274 -5.02 -1.59 -25.39
C ILE A 274 -4.75 -1.84 -26.86
N PRO A 275 -5.59 -1.43 -27.81
CA PRO A 275 -5.26 -1.68 -29.22
C PRO A 275 -3.94 -1.07 -29.66
N LEU A 276 -3.60 0.12 -29.15
CA LEU A 276 -2.31 0.72 -29.47
C LEU A 276 -1.16 -0.08 -28.87
N LEU A 277 -1.33 -0.56 -27.64
CA LEU A 277 -0.30 -1.35 -26.98
C LEU A 277 0.03 -2.63 -27.72
N GLU A 278 -0.87 -3.12 -28.56
CA GLU A 278 -0.66 -4.35 -29.30
C GLU A 278 0.02 -4.15 -30.64
N THR A 279 0.29 -2.90 -31.03
CA THR A 279 0.92 -2.62 -32.29
C THR A 279 2.22 -1.83 -32.17
N VAL A 280 2.59 -1.37 -30.98
CA VAL A 280 3.83 -0.63 -30.83
C VAL A 280 4.99 -1.61 -30.91
N SER A 281 6.19 -1.09 -31.09
CA SER A 281 7.37 -1.93 -31.21
C SER A 281 7.70 -2.59 -29.86
N CYS A 282 8.58 -3.59 -29.92
CA CYS A 282 9.01 -4.25 -28.70
C CYS A 282 9.92 -3.34 -27.88
N TRP A 283 10.74 -2.53 -28.54
CA TRP A 283 11.50 -1.50 -27.85
C TRP A 283 10.57 -0.52 -27.14
N THR A 284 9.46 -0.16 -27.78
CA THR A 284 8.47 0.69 -27.14
C THR A 284 7.86 0.00 -25.93
N LEU A 285 7.60 -1.29 -26.02
CA LEU A 285 7.08 -2.02 -24.87
C LEU A 285 8.05 -1.96 -23.71
N GLY A 286 9.33 -2.23 -23.96
CA GLY A 286 10.31 -2.17 -22.89
C GLY A 286 10.43 -0.79 -22.28
N GLY A 287 10.42 0.24 -23.11
CA GLY A 287 10.48 1.60 -22.60
C GLY A 287 9.26 1.99 -21.80
N LEU A 288 8.08 1.54 -22.23
CA LEU A 288 6.86 1.82 -21.48
C LEU A 288 6.90 1.15 -20.11
N ALA A 289 7.38 -0.08 -20.04
CA ALA A 289 7.52 -0.75 -18.76
C ALA A 289 8.48 0.00 -17.85
N LEU A 290 9.65 0.37 -18.37
CA LEU A 290 10.64 1.08 -17.56
C LEU A 290 10.13 2.43 -17.09
N ALA A 291 9.48 3.18 -17.98
CA ALA A 291 8.97 4.50 -17.61
C ALA A 291 7.87 4.42 -16.57
N GLN A 292 7.00 3.40 -16.66
CA GLN A 292 5.97 3.21 -15.66
C GLN A 292 6.53 3.04 -14.26
N VAL A 293 7.47 2.12 -14.08
CA VAL A 293 7.99 1.85 -12.75
C VAL A 293 8.80 3.03 -12.25
N LEU A 294 9.54 3.71 -13.13
CA LEU A 294 10.34 4.83 -12.69
C LEU A 294 9.48 6.02 -12.32
N PHE A 295 8.37 6.25 -13.04
CA PHE A 295 7.44 7.29 -12.64
C PHE A 295 6.82 6.98 -11.29
N PHE A 296 6.45 5.72 -11.07
CA PHE A 296 5.93 5.31 -9.78
C PHE A 296 6.94 5.56 -8.67
N TYR A 297 8.21 5.24 -8.92
CA TYR A 297 9.25 5.47 -7.92
C TYR A 297 9.42 6.95 -7.62
N VAL A 298 9.46 7.79 -8.64
CA VAL A 298 9.65 9.22 -8.44
C VAL A 298 8.42 9.85 -7.78
N LYS A 299 7.24 9.38 -8.13
CA LYS A 299 6.02 9.90 -7.52
C LYS A 299 5.98 9.64 -6.02
N TYR A 300 6.38 8.45 -5.60
CA TYR A 300 6.43 8.16 -4.17
C TYR A 300 7.61 8.79 -3.46
N LEU A 301 8.69 9.09 -4.18
CA LEU A 301 9.69 9.98 -3.60
C LEU A 301 9.04 11.27 -3.15
N VAL A 302 8.26 11.90 -4.04
CA VAL A 302 7.57 13.13 -3.69
C VAL A 302 6.50 12.88 -2.63
N LEU A 303 5.73 11.81 -2.79
CA LEU A 303 4.58 11.60 -1.91
C LEU A 303 5.00 11.24 -0.50
N PHE A 304 6.15 10.62 -0.33
CA PHE A 304 6.66 10.31 1.00
C PHE A 304 7.70 11.31 1.46
N GLY A 305 8.27 12.08 0.54
CA GLY A 305 9.30 13.03 0.91
C GLY A 305 8.77 14.19 1.72
N VAL A 306 7.59 14.70 1.37
CA VAL A 306 7.00 15.81 2.13
C VAL A 306 6.71 15.41 3.57
N PRO A 307 6.01 14.31 3.86
CA PRO A 307 5.91 13.87 5.26
C PRO A 307 7.25 13.60 5.91
N ALA A 308 8.21 13.06 5.18
CA ALA A 308 9.52 12.80 5.74
C ALA A 308 10.21 14.09 6.16
N LEU A 309 10.13 15.13 5.34
CA LEU A 309 10.77 16.40 5.67
C LEU A 309 10.13 17.02 6.91
N LEU A 310 8.80 16.98 6.99
CA LEU A 310 8.11 17.51 8.17
C LEU A 310 8.49 16.76 9.44
N MET A 311 8.55 15.43 9.36
CA MET A 311 8.91 14.63 10.53
C MET A 311 10.33 14.95 11.01
N ARG A 312 11.27 15.11 10.08
CA ARG A 312 12.63 15.45 10.46
C ARG A 312 12.70 16.81 11.13
N LEU A 313 11.85 17.75 10.73
CA LEU A 313 11.75 19.01 11.44
C LEU A 313 11.26 18.80 12.86
N ASP A 314 10.35 17.84 13.05
CA ASP A 314 9.83 17.50 14.37
C ASP A 314 10.82 16.75 15.23
N GLY A 315 11.93 16.30 14.69
CA GLY A 315 12.89 15.51 15.44
C GLY A 315 12.71 14.02 15.35
N LEU A 316 11.74 13.54 14.57
CA LEU A 316 11.53 12.12 14.36
C LEU A 316 12.55 11.56 13.36
N THR A 317 12.59 10.24 13.27
CA THR A 317 13.33 9.54 12.23
C THR A 317 12.32 8.79 11.37
N PRO A 318 11.99 9.30 10.19
CA PRO A 318 10.99 8.65 9.36
C PRO A 318 11.54 7.37 8.76
N PRO A 319 10.68 6.52 8.20
CA PRO A 319 11.19 5.37 7.45
C PRO A 319 11.96 5.84 6.23
N ALA A 320 12.90 5.01 5.80
CA ALA A 320 13.74 5.38 4.67
C ALA A 320 12.93 5.53 3.40
N LEU A 321 13.31 6.51 2.58
CA LEU A 321 12.70 6.69 1.28
C LEU A 321 13.11 5.55 0.35
N PRO A 322 12.29 5.26 -0.68
CA PRO A 322 12.59 4.12 -1.55
C PRO A 322 13.94 4.22 -2.24
N ARG A 323 14.59 3.08 -2.40
CA ARG A 323 15.75 2.99 -3.28
C ARG A 323 15.28 2.97 -4.72
N CYS A 324 16.13 3.50 -5.61
CA CYS A 324 15.78 3.57 -7.02
C CYS A 324 15.48 2.19 -7.58
N VAL A 325 14.39 2.10 -8.35
CA VAL A 325 13.95 0.81 -8.88
C VAL A 325 14.86 0.30 -9.98
N SER A 326 15.72 1.13 -10.53
CA SER A 326 16.74 0.67 -11.46
C SER A 326 17.91 -0.02 -10.78
N THR A 327 17.82 -0.22 -9.47
CA THR A 327 18.82 -0.95 -8.71
C THR A 327 18.25 -2.20 -8.06
N MET A 328 17.00 -2.54 -8.32
CA MET A 328 16.36 -3.71 -7.74
C MET A 328 16.43 -4.87 -8.71
N PHE A 329 16.82 -6.03 -8.21
CA PHE A 329 17.05 -7.19 -9.05
C PHE A 329 16.41 -8.45 -8.52
N SER A 330 15.73 -8.40 -7.38
CA SER A 330 15.11 -9.60 -6.82
C SER A 330 13.84 -9.23 -6.09
N PHE A 331 12.97 -10.22 -5.91
CA PHE A 331 11.72 -10.00 -5.19
C PHE A 331 11.97 -9.63 -3.74
N THR A 332 12.86 -10.35 -3.07
CA THR A 332 13.10 -10.13 -1.65
C THR A 332 13.64 -8.74 -1.41
N GLY A 333 14.64 -8.33 -2.18
CA GLY A 333 15.19 -6.99 -2.04
C GLY A 333 14.18 -5.90 -2.35
N MET A 334 13.36 -6.10 -3.37
CA MET A 334 12.37 -5.10 -3.75
C MET A 334 11.42 -4.77 -2.60
N TRP A 335 10.92 -5.80 -1.90
CA TRP A 335 9.97 -5.54 -0.84
C TRP A 335 10.61 -5.19 0.49
N ARG A 336 11.91 -5.34 0.63
CA ARG A 336 12.60 -4.82 1.79
C ARG A 336 12.86 -3.32 1.69
N TYR A 337 13.04 -2.78 0.48
CA TYR A 337 13.60 -1.46 0.33
C TYR A 337 12.70 -0.44 -0.36
N PHE A 338 11.55 -0.81 -0.91
CA PHE A 338 10.72 0.20 -1.56
C PHE A 338 9.85 0.94 -0.55
N ASP A 339 8.94 0.25 0.09
CA ASP A 339 8.08 0.83 1.13
C ASP A 339 8.61 0.31 2.45
N VAL A 340 9.54 1.05 3.05
CA VAL A 340 10.21 0.59 4.25
C VAL A 340 9.23 0.59 5.43
N GLY A 341 8.43 1.64 5.54
CA GLY A 341 7.48 1.71 6.65
C GLY A 341 6.48 0.57 6.62
N LEU A 342 5.90 0.30 5.45
CA LEU A 342 4.94 -0.79 5.34
C LEU A 342 5.61 -2.15 5.52
N HIS A 343 6.86 -2.29 5.06
CA HIS A 343 7.58 -3.53 5.28
C HIS A 343 7.78 -3.77 6.77
N ASN A 344 8.13 -2.73 7.52
CA ASN A 344 8.29 -2.86 8.96
C ASN A 344 6.97 -3.21 9.64
N PHE A 345 5.88 -2.59 9.22
CA PHE A 345 4.56 -2.94 9.76
C PHE A 345 4.25 -4.41 9.55
N LEU A 346 4.46 -4.89 8.32
CA LEU A 346 4.10 -6.27 8.00
C LEU A 346 4.97 -7.28 8.73
N ILE A 347 6.25 -6.97 8.89
CA ILE A 347 7.13 -7.87 9.62
C ILE A 347 6.71 -8.00 11.06
N ARG A 348 6.38 -6.87 11.70
CA ARG A 348 6.08 -6.88 13.12
C ARG A 348 4.69 -7.45 13.43
N TYR A 349 3.67 -7.07 12.66
CA TYR A 349 2.30 -7.34 13.07
C TYR A 349 1.60 -8.43 12.28
N VAL A 350 2.13 -8.84 11.13
CA VAL A 350 1.53 -9.89 10.32
C VAL A 350 2.47 -11.07 10.15
N TYR A 351 3.75 -10.83 9.89
CA TYR A 351 4.67 -11.93 9.57
C TYR A 351 5.05 -12.72 10.81
N ILE A 352 5.65 -12.08 11.81
CA ILE A 352 6.12 -12.80 12.99
C ILE A 352 4.99 -13.44 13.79
N PRO A 353 3.86 -12.77 14.06
CA PRO A 353 2.81 -13.44 14.84
C PRO A 353 2.32 -14.75 14.24
N VAL A 354 2.20 -14.84 12.93
CA VAL A 354 1.85 -16.11 12.30
C VAL A 354 2.96 -17.13 12.47
N GLY A 355 4.20 -16.67 12.68
CA GLY A 355 5.28 -17.59 12.95
C GLY A 355 6.21 -17.79 11.77
N GLY A 356 6.61 -16.71 11.13
CA GLY A 356 7.44 -16.83 9.96
C GLY A 356 8.82 -17.35 10.29
N SER A 357 9.46 -17.93 9.28
CA SER A 357 10.89 -18.26 9.29
C SER A 357 11.31 -19.06 10.52
N GLN A 358 10.38 -19.74 11.20
CA GLN A 358 10.79 -20.48 12.39
C GLN A 358 10.33 -21.92 12.34
N HIS A 359 9.25 -22.18 11.62
CA HIS A 359 8.72 -23.53 11.49
C HIS A 359 9.27 -24.27 10.29
N GLY A 360 10.20 -23.68 9.55
CA GLY A 360 10.83 -24.37 8.44
C GLY A 360 10.29 -23.91 7.10
N LEU A 361 9.97 -24.88 6.23
CA LEU A 361 9.50 -24.55 4.90
C LEU A 361 8.01 -24.24 4.87
N LEU A 362 7.20 -25.15 5.40
CA LEU A 362 5.74 -24.98 5.34
C LEU A 362 5.31 -23.73 6.09
N GLY A 363 5.92 -23.48 7.23
CA GLY A 363 5.59 -22.29 7.99
C GLY A 363 5.90 -21.01 7.24
N THR A 364 7.04 -20.97 6.55
CA THR A 364 7.40 -19.78 5.79
C THR A 364 6.42 -19.52 4.65
N LEU A 365 5.99 -20.57 3.95
CA LEU A 365 4.99 -20.39 2.90
C LEU A 365 3.73 -19.77 3.47
N PHE A 366 3.21 -20.32 4.58
CA PHE A 366 1.97 -19.82 5.14
C PHE A 366 2.13 -18.39 5.63
N SER A 367 3.25 -18.08 6.28
CA SER A 367 3.43 -16.72 6.80
C SER A 367 3.50 -15.70 5.68
N THR A 368 4.27 -16.01 4.63
CA THR A 368 4.38 -15.11 3.49
C THR A 368 3.06 -14.98 2.76
N ALA A 369 2.30 -16.07 2.65
CA ALA A 369 0.99 -16.02 2.02
C ALA A 369 0.05 -15.09 2.76
N MET A 370 0.05 -15.16 4.10
CA MET A 370 -0.79 -14.28 4.89
C MET A 370 -0.41 -12.82 4.69
N THR A 371 0.88 -12.53 4.69
CA THR A 371 1.34 -11.16 4.53
C THR A 371 0.91 -10.58 3.19
N PHE A 372 1.09 -11.35 2.11
CA PHE A 372 0.73 -10.86 0.79
C PHE A 372 -0.79 -10.76 0.63
N ALA A 373 -1.53 -11.67 1.25
CA ALA A 373 -2.98 -11.61 1.20
C ALA A 373 -3.52 -10.36 1.88
N PHE A 374 -2.97 -9.99 3.05
CA PHE A 374 -3.42 -8.76 3.70
C PHE A 374 -3.10 -7.52 2.87
N VAL A 375 -1.89 -7.46 2.31
CA VAL A 375 -1.53 -6.26 1.55
C VAL A 375 -2.37 -6.15 0.29
N SER A 376 -2.79 -7.27 -0.28
CA SER A 376 -3.69 -7.20 -1.43
C SER A 376 -5.07 -6.73 -1.00
N TYR A 377 -5.58 -7.25 0.11
CA TYR A 377 -6.90 -6.83 0.58
C TYR A 377 -6.89 -5.38 1.04
N TRP A 378 -5.79 -4.93 1.62
CA TRP A 378 -5.71 -3.57 2.13
C TRP A 378 -5.69 -2.55 1.00
N HIS A 379 -5.23 -2.95 -0.17
CA HIS A 379 -5.17 -2.05 -1.32
C HIS A 379 -6.50 -1.95 -2.06
N GLY A 380 -7.47 -2.78 -1.73
CA GLY A 380 -8.77 -2.70 -2.37
C GLY A 380 -9.38 -4.05 -2.65
N GLY A 381 -8.54 -5.07 -2.79
CA GLY A 381 -9.02 -6.42 -3.04
C GLY A 381 -9.64 -6.63 -4.40
N TYR A 382 -9.09 -6.01 -5.44
CA TYR A 382 -9.56 -6.22 -6.80
C TYR A 382 -8.84 -7.42 -7.41
N ASP A 383 -9.36 -7.89 -8.54
CA ASP A 383 -8.87 -9.13 -9.14
C ASP A 383 -7.40 -9.01 -9.55
N TYR A 384 -7.03 -7.89 -10.15
CA TYR A 384 -5.64 -7.68 -10.54
C TYR A 384 -4.73 -7.60 -9.33
N LEU A 385 -5.23 -7.10 -8.21
CA LEU A 385 -4.44 -7.09 -6.98
C LEU A 385 -4.14 -8.50 -6.49
N TRP A 386 -5.11 -9.41 -6.59
CA TRP A 386 -4.86 -10.78 -6.20
C TRP A 386 -3.87 -11.46 -7.13
N CYS A 387 -3.95 -11.17 -8.42
CA CYS A 387 -2.97 -11.72 -9.35
C CYS A 387 -1.58 -11.21 -9.03
N TRP A 388 -1.46 -9.92 -8.72
CA TRP A 388 -0.18 -9.35 -8.33
C TRP A 388 0.35 -9.99 -7.06
N ALA A 389 -0.52 -10.19 -6.07
CA ALA A 389 -0.11 -10.81 -4.82
C ALA A 389 0.33 -12.26 -5.02
N ALA A 390 -0.38 -13.01 -5.85
CA ALA A 390 0.03 -14.39 -6.13
C ALA A 390 1.40 -14.43 -6.79
N LEU A 391 1.64 -13.57 -7.77
CA LEU A 391 2.94 -13.55 -8.44
C LEU A 391 4.05 -13.20 -7.47
N ASN A 392 3.83 -12.20 -6.63
CA ASN A 392 4.86 -11.76 -5.69
C ASN A 392 5.11 -12.80 -4.62
N TRP A 393 4.06 -13.46 -4.15
CA TRP A 393 4.24 -14.54 -3.19
C TRP A 393 5.09 -15.65 -3.80
N LEU A 394 4.79 -16.02 -5.03
CA LEU A 394 5.54 -17.07 -5.70
C LEU A 394 7.00 -16.68 -5.91
N GLY A 395 7.25 -15.43 -6.28
CA GLY A 395 8.63 -15.00 -6.50
C GLY A 395 9.47 -15.04 -5.23
N VAL A 396 8.92 -14.54 -4.13
CA VAL A 396 9.62 -14.55 -2.85
C VAL A 396 9.88 -15.98 -2.40
N THR A 397 8.90 -16.86 -2.58
CA THR A 397 9.08 -18.25 -2.18
C THR A 397 10.22 -18.91 -2.94
N VAL A 398 10.23 -18.75 -4.26
CA VAL A 398 11.26 -19.38 -5.08
C VAL A 398 12.64 -18.84 -4.70
N GLU A 399 12.74 -17.52 -4.45
CA GLU A 399 14.05 -16.98 -4.09
C GLU A 399 14.56 -17.58 -2.79
N ASN A 400 13.69 -17.67 -1.78
CA ASN A 400 14.10 -18.26 -0.51
C ASN A 400 14.44 -19.73 -0.67
N GLY A 401 13.66 -20.47 -1.46
CA GLY A 401 13.96 -21.88 -1.65
C GLY A 401 15.31 -22.09 -2.30
N VAL A 402 15.61 -21.33 -3.35
CA VAL A 402 16.89 -21.47 -4.02
C VAL A 402 18.01 -21.06 -3.08
N ARG A 403 17.80 -20.00 -2.29
CA ARG A 403 18.84 -19.52 -1.40
C ARG A 403 19.22 -20.59 -0.40
N ARG A 404 18.22 -21.25 0.18
CA ARG A 404 18.50 -22.29 1.16
C ARG A 404 19.23 -23.45 0.50
N LEU A 405 18.81 -23.80 -0.72
CA LEU A 405 19.43 -24.93 -1.43
C LEU A 405 20.91 -24.70 -1.66
N VAL A 406 21.30 -23.46 -2.00
CA VAL A 406 22.70 -23.20 -2.30
C VAL A 406 23.51 -22.94 -1.05
N GLU A 407 22.87 -22.73 0.09
CA GLU A 407 23.58 -22.55 1.35
C GLU A 407 23.74 -23.85 2.11
N THR A 408 23.29 -24.96 1.54
CA THR A 408 23.53 -26.27 2.13
C THR A 408 25.03 -26.58 2.09
N PRO A 409 25.59 -27.14 3.16
CA PRO A 409 27.04 -27.34 3.18
C PRO A 409 27.56 -28.20 2.05
N CYS A 410 26.80 -29.24 1.65
CA CYS A 410 27.27 -30.11 0.58
C CYS A 410 27.37 -29.35 -0.75
N ILE A 411 26.28 -28.69 -1.13
CA ILE A 411 26.27 -27.95 -2.41
C ILE A 411 27.18 -26.74 -2.34
N GLN A 412 27.20 -26.03 -1.21
CA GLN A 412 28.08 -24.88 -1.07
C GLN A 412 29.54 -25.27 -1.25
N ASP A 413 29.96 -26.35 -0.61
CA ASP A 413 31.34 -26.81 -0.75
C ASP A 413 31.65 -27.23 -2.19
N SER A 414 30.71 -27.93 -2.84
CA SER A 414 30.95 -28.40 -4.20
C SER A 414 31.14 -27.24 -5.17
N LEU A 415 30.23 -26.25 -5.13
CA LEU A 415 30.35 -25.11 -6.03
C LEU A 415 31.56 -24.24 -5.70
N ALA A 416 31.96 -24.19 -4.44
CA ALA A 416 33.14 -23.42 -4.07
C ALA A 416 34.42 -24.05 -4.60
N ARG A 417 34.52 -25.38 -4.54
CA ARG A 417 35.73 -26.05 -4.99
C ARG A 417 35.84 -26.13 -6.50
N TYR A 418 34.72 -26.07 -7.23
CA TYR A 418 34.73 -26.27 -8.67
C TYR A 418 34.61 -24.99 -9.47
N PHE A 419 34.04 -23.93 -8.90
CA PHE A 419 33.75 -22.70 -9.62
C PHE A 419 34.51 -21.54 -9.00
N SER A 420 35.06 -20.67 -9.85
CA SER A 420 35.74 -19.49 -9.39
C SER A 420 34.74 -18.48 -8.82
N PRO A 421 35.20 -17.59 -7.93
CA PRO A 421 34.27 -16.60 -7.38
C PRO A 421 33.63 -15.70 -8.42
N GLN A 422 34.39 -15.33 -9.46
CA GLN A 422 33.85 -14.51 -10.53
C GLN A 422 32.77 -15.26 -11.32
N ALA A 423 32.98 -16.55 -11.58
CA ALA A 423 31.95 -17.36 -12.22
C ALA A 423 30.70 -17.46 -11.35
N ARG A 424 30.87 -17.60 -10.03
CA ARG A 424 29.72 -17.63 -9.14
C ARG A 424 28.91 -16.34 -9.22
N ARG A 425 29.58 -15.19 -9.29
CA ARG A 425 28.85 -13.95 -9.50
C ARG A 425 28.06 -13.95 -10.80
N ARG A 426 28.61 -14.55 -11.84
CA ARG A 426 27.93 -14.55 -13.15
C ARG A 426 26.67 -15.40 -13.14
N PHE A 427 26.69 -16.62 -12.58
CA PHE A 427 25.43 -17.36 -12.46
C PHE A 427 24.44 -16.67 -11.54
N HIS A 428 24.90 -16.01 -10.49
CA HIS A 428 23.97 -15.26 -9.67
C HIS A 428 23.30 -14.16 -10.49
N ALA A 429 24.08 -13.46 -11.32
CA ALA A 429 23.51 -12.44 -12.20
C ALA A 429 22.58 -13.04 -13.24
N ALA A 430 22.96 -14.20 -13.80
CA ALA A 430 22.13 -14.83 -14.82
C ALA A 430 20.77 -15.25 -14.27
N LEU A 431 20.76 -15.83 -13.07
CA LEU A 431 19.50 -16.21 -12.45
C LEU A 431 18.67 -14.99 -12.07
N ALA A 432 19.32 -13.92 -11.60
CA ALA A 432 18.60 -12.71 -11.23
C ALA A 432 17.88 -12.07 -12.43
N SER A 433 18.38 -12.31 -13.65
CA SER A 433 17.73 -11.78 -14.84
C SER A 433 16.33 -12.38 -14.99
N CYS A 434 16.21 -13.71 -14.86
CA CYS A 434 14.90 -14.33 -14.93
C CYS A 434 14.03 -13.86 -13.78
N SER A 435 14.60 -13.75 -12.58
CA SER A 435 13.86 -13.24 -11.43
C SER A 435 13.34 -11.83 -11.69
N THR A 436 14.19 -10.95 -12.24
CA THR A 436 13.79 -9.56 -12.43
C THR A 436 12.82 -9.39 -13.60
N SER A 437 12.89 -10.25 -14.61
CA SER A 437 11.89 -10.22 -15.68
C SER A 437 10.50 -10.50 -15.12
N MET A 438 10.38 -11.53 -14.27
CA MET A 438 9.12 -11.84 -13.65
C MET A 438 8.68 -10.75 -12.68
N LEU A 439 9.65 -10.14 -11.98
CA LEU A 439 9.34 -9.04 -11.07
C LEU A 439 8.75 -7.85 -11.80
N ILE A 440 9.33 -7.48 -12.95
CA ILE A 440 8.77 -6.38 -13.75
C ILE A 440 7.36 -6.74 -14.22
N LEU A 441 7.16 -7.98 -14.66
CA LEU A 441 5.85 -8.41 -15.13
C LEU A 441 4.79 -8.32 -14.04
N SER A 442 5.11 -8.75 -12.82
CA SER A 442 4.13 -8.69 -11.74
C SER A 442 3.72 -7.27 -11.41
N ASN A 443 4.68 -6.35 -11.37
CA ASN A 443 4.38 -4.96 -11.05
C ASN A 443 3.75 -4.21 -12.21
N LEU A 444 3.88 -4.70 -13.45
CA LEU A 444 3.10 -4.17 -14.55
C LEU A 444 1.62 -4.48 -14.38
N VAL A 445 1.30 -5.67 -13.87
CA VAL A 445 -0.08 -5.99 -13.54
C VAL A 445 -0.62 -5.04 -12.48
N PHE A 446 0.21 -4.72 -11.47
CA PHE A 446 -0.22 -3.77 -10.46
C PHE A 446 -0.50 -2.40 -11.10
N LEU A 447 0.39 -1.95 -11.98
CA LEU A 447 0.27 -0.61 -12.52
C LEU A 447 -0.79 -0.51 -13.61
N GLY A 448 -0.98 -1.56 -14.42
CA GLY A 448 -1.84 -1.45 -15.58
C GLY A 448 -2.98 -2.43 -15.68
N GLY A 449 -3.03 -3.43 -14.83
CA GLY A 449 -4.13 -4.38 -14.81
C GLY A 449 -3.84 -5.66 -15.57
N ASN A 450 -4.85 -6.53 -15.58
CA ASN A 450 -4.69 -7.85 -16.19
C ASN A 450 -4.50 -7.76 -17.69
N GLU A 451 -5.19 -6.84 -18.34
CA GLU A 451 -5.09 -6.72 -19.80
C GLU A 451 -3.67 -6.35 -20.23
N VAL A 452 -3.06 -5.41 -19.53
CA VAL A 452 -1.68 -5.02 -19.83
C VAL A 452 -0.75 -6.20 -19.57
N GLY A 453 -0.97 -6.95 -18.50
CA GLY A 453 -0.14 -8.09 -18.22
C GLY A 453 -0.20 -9.17 -19.29
N LYS A 454 -1.41 -9.46 -19.77
CA LYS A 454 -1.56 -10.46 -20.83
C LYS A 454 -0.91 -10.00 -22.12
N THR A 455 -1.05 -8.72 -22.46
CA THR A 455 -0.39 -8.19 -23.64
C THR A 455 1.11 -8.37 -23.56
N TYR A 456 1.70 -8.01 -22.42
CA TYR A 456 3.15 -8.13 -22.25
C TYR A 456 3.60 -9.58 -22.28
N TRP A 457 2.86 -10.48 -21.62
CA TRP A 457 3.21 -11.89 -21.63
C TRP A 457 3.24 -12.45 -23.05
N ASN A 458 2.18 -12.22 -23.83
CA ASN A 458 2.12 -12.76 -25.18
C ASN A 458 3.17 -12.13 -26.09
N ARG A 459 3.39 -10.83 -25.99
CA ARG A 459 4.27 -10.16 -26.94
C ARG A 459 5.75 -10.27 -26.59
N ILE A 460 6.10 -10.71 -25.38
CA ILE A 460 7.48 -10.85 -24.98
C ILE A 460 7.92 -12.30 -24.94
N PHE A 461 7.05 -13.20 -24.49
CA PHE A 461 7.45 -14.57 -24.24
C PHE A 461 6.92 -15.58 -25.22
N ILE A 462 5.78 -15.32 -25.85
CA ILE A 462 5.12 -16.30 -26.72
C ILE A 462 5.26 -15.91 -28.19
N GLN A 463 4.77 -14.73 -28.56
CA GLN A 463 4.88 -14.28 -29.94
C GLN A 463 6.33 -14.11 -30.34
N GLY A 464 7.15 -13.57 -29.44
CA GLY A 464 8.53 -13.29 -29.74
C GLY A 464 9.47 -14.15 -28.95
N TRP A 465 9.18 -15.45 -28.88
CA TRP A 465 9.97 -16.35 -28.04
C TRP A 465 11.45 -16.40 -28.40
N PRO A 466 11.85 -16.88 -29.58
CA PRO A 466 13.28 -17.17 -29.76
C PRO A 466 14.18 -15.97 -29.55
N TRP A 467 13.77 -14.79 -30.00
CA TRP A 467 14.72 -13.69 -30.11
C TRP A 467 14.34 -12.46 -29.30
N VAL A 468 13.07 -12.09 -29.25
CA VAL A 468 12.68 -10.97 -28.40
C VAL A 468 12.93 -11.31 -26.94
N THR A 469 12.56 -12.53 -26.54
CA THR A 469 12.75 -12.94 -25.15
C THR A 469 14.22 -12.96 -24.77
N LEU A 470 15.07 -13.46 -25.66
CA LEU A 470 16.50 -13.54 -25.36
C LEU A 470 17.14 -12.17 -25.26
N SER A 471 16.72 -11.22 -26.10
CA SER A 471 17.25 -9.87 -25.98
C SER A 471 16.86 -9.23 -24.66
N VAL A 472 15.61 -9.39 -24.24
CA VAL A 472 15.20 -8.86 -22.95
C VAL A 472 16.00 -9.53 -21.83
N LEU A 473 16.20 -10.84 -21.94
CA LEU A 473 16.93 -11.56 -20.90
C LEU A 473 18.40 -11.15 -20.86
N GLY A 474 19.00 -10.94 -22.03
CA GLY A 474 20.38 -10.49 -22.07
C GLY A 474 20.57 -9.11 -21.50
N PHE A 475 19.70 -8.17 -21.84
CA PHE A 475 19.78 -6.83 -21.26
C PHE A 475 19.61 -6.85 -19.75
N LEU A 476 18.67 -7.64 -19.24
CA LEU A 476 18.47 -7.73 -17.80
C LEU A 476 19.63 -8.41 -17.10
N TYR A 477 20.36 -9.28 -17.80
CA TYR A 477 21.54 -9.90 -17.22
C TYR A 477 22.62 -8.86 -16.92
N CYS A 478 22.87 -7.95 -17.86
CA CYS A 478 23.80 -6.85 -17.62
C CYS A 478 23.29 -5.94 -16.51
N TYR A 479 22.00 -5.63 -16.54
CA TYR A 479 21.37 -4.83 -15.50
C TYR A 479 21.54 -5.44 -14.12
N SER A 480 21.46 -6.78 -14.03
CA SER A 480 21.55 -7.45 -12.74
C SER A 480 22.96 -7.39 -12.14
N HIS A 481 24.00 -7.49 -12.97
CA HIS A 481 25.35 -7.23 -12.49
C HIS A 481 25.45 -5.89 -11.79
N VAL A 482 24.93 -4.83 -12.40
CA VAL A 482 25.03 -3.52 -11.78
C VAL A 482 24.32 -3.53 -10.42
N GLY A 483 23.13 -4.13 -10.37
CA GLY A 483 22.36 -4.12 -9.14
C GLY A 483 23.02 -4.91 -8.02
N ILE A 484 23.55 -6.10 -8.34
CA ILE A 484 24.23 -6.90 -7.33
C ILE A 484 25.51 -6.23 -6.87
N ALA A 485 26.29 -5.70 -7.81
CA ALA A 485 27.53 -5.01 -7.44
C ALA A 485 27.26 -3.82 -6.54
N TRP A 486 26.21 -3.06 -6.82
CA TRP A 486 25.85 -1.92 -6.00
C TRP A 486 25.30 -2.34 -4.65
N ALA A 487 24.51 -3.42 -4.61
CA ALA A 487 23.91 -3.87 -3.36
C ALA A 487 24.96 -4.29 -2.33
N GLN A 488 26.17 -4.62 -2.77
CA GLN A 488 27.25 -4.94 -1.85
C GLN A 488 27.64 -3.73 -1.01
N THR A 489 26.97 -2.60 -1.20
CA THR A 489 27.30 -1.38 -0.49
C THR A 489 26.32 -1.07 0.63
N TYR A 490 25.17 -1.74 0.68
CA TYR A 490 24.22 -1.49 1.74
C TYR A 490 23.71 -2.78 2.36
N ALA A 491 23.64 -3.84 1.57
CA ALA A 491 23.14 -5.12 2.05
C ALA A 491 24.28 -6.00 2.54
N GLN B 20 -11.66 13.88 -42.16
CA GLN B 20 -11.55 12.94 -41.05
C GLN B 20 -11.93 11.54 -41.50
N VAL B 21 -12.21 10.66 -40.55
CA VAL B 21 -12.59 9.29 -40.86
C VAL B 21 -14.01 9.26 -41.40
N GLN B 22 -14.21 8.52 -42.48
CA GLN B 22 -15.51 8.40 -43.13
C GLN B 22 -15.78 6.94 -43.47
N LEU B 23 -16.98 6.46 -43.15
CA LEU B 23 -17.36 5.07 -43.38
C LEU B 23 -18.45 5.01 -44.45
N ARG B 24 -18.30 4.11 -45.41
CA ARG B 24 -19.27 3.93 -46.48
C ARG B 24 -19.66 2.45 -46.58
N GLN B 25 -20.95 2.18 -46.54
CA GLN B 25 -21.48 0.83 -46.51
C GLN B 25 -22.10 0.46 -47.85
N SER B 26 -22.41 -0.83 -47.99
CA SER B 26 -22.97 -1.36 -49.22
C SER B 26 -24.48 -1.11 -49.27
N GLY B 27 -25.11 -1.62 -50.33
CA GLY B 27 -26.50 -1.33 -50.58
C GLY B 27 -27.46 -2.23 -49.82
N ALA B 28 -28.74 -1.89 -49.93
CA ALA B 28 -29.79 -2.65 -49.28
C ALA B 28 -29.95 -4.01 -49.95
N GLU B 29 -30.38 -4.99 -49.17
CA GLU B 29 -30.44 -6.37 -49.61
C GLU B 29 -31.78 -6.99 -49.27
N LEU B 30 -32.30 -7.77 -50.20
CA LEU B 30 -33.55 -8.51 -50.01
C LEU B 30 -33.22 -9.99 -49.98
N ALA B 31 -33.10 -10.54 -48.79
CA ALA B 31 -32.74 -11.95 -48.63
C ALA B 31 -33.97 -12.82 -48.81
N LYS B 32 -33.81 -14.10 -48.55
CA LYS B 32 -34.89 -15.07 -48.51
C LYS B 32 -34.76 -15.85 -47.21
N PRO B 33 -35.85 -16.41 -46.69
CA PRO B 33 -35.74 -17.20 -45.46
C PRO B 33 -34.84 -18.40 -45.68
N GLY B 34 -33.97 -18.66 -44.70
CA GLY B 34 -32.99 -19.70 -44.85
C GLY B 34 -31.96 -19.44 -45.94
N ALA B 35 -31.43 -18.23 -45.99
CA ALA B 35 -30.39 -17.86 -46.93
C ALA B 35 -29.33 -17.07 -46.17
N SER B 36 -28.44 -16.42 -46.93
CA SER B 36 -27.36 -15.67 -46.33
C SER B 36 -27.21 -14.33 -47.03
N VAL B 37 -26.64 -13.37 -46.31
CA VAL B 37 -26.30 -12.07 -46.87
C VAL B 37 -24.91 -11.69 -46.38
N LYS B 38 -24.13 -11.07 -47.25
CA LYS B 38 -22.80 -10.60 -46.90
C LYS B 38 -22.75 -9.12 -47.24
N MET B 39 -22.52 -8.29 -46.23
CA MET B 39 -22.57 -6.85 -46.37
C MET B 39 -21.24 -6.27 -45.93
N SER B 40 -20.79 -5.23 -46.62
CA SER B 40 -19.44 -4.71 -46.47
C SER B 40 -19.45 -3.30 -45.89
N CYS B 41 -18.27 -2.85 -45.49
CA CYS B 41 -18.07 -1.52 -44.92
C CYS B 41 -16.63 -1.11 -45.20
N LYS B 42 -16.44 0.03 -45.85
CA LYS B 42 -15.12 0.53 -46.19
C LYS B 42 -14.80 1.78 -45.38
N ALA B 43 -13.67 1.76 -44.71
CA ALA B 43 -13.21 2.87 -43.89
C ALA B 43 -12.22 3.73 -44.65
N SER B 44 -12.17 5.01 -44.30
CA SER B 44 -11.24 5.93 -44.94
C SER B 44 -10.79 6.96 -43.93
N GLY B 45 -9.56 7.43 -44.08
CA GLY B 45 -9.07 8.55 -43.32
C GLY B 45 -8.48 8.24 -41.96
N TYR B 46 -8.30 6.98 -41.61
CA TYR B 46 -7.73 6.65 -40.31
C TYR B 46 -6.24 7.01 -40.26
N THR B 47 -5.78 7.38 -39.08
CA THR B 47 -4.40 7.80 -38.90
C THR B 47 -3.58 6.87 -38.00
N PHE B 48 -4.19 5.87 -37.39
CA PHE B 48 -3.48 4.90 -36.59
C PHE B 48 -3.78 3.50 -37.11
N THR B 49 -2.94 2.55 -36.71
CA THR B 49 -2.95 1.23 -37.33
C THR B 49 -4.12 0.38 -36.86
N ASN B 50 -4.21 0.12 -35.56
CA ASN B 50 -5.19 -0.84 -35.05
C ASN B 50 -6.48 -0.11 -34.71
N TYR B 51 -7.37 -0.02 -35.68
CA TYR B 51 -8.72 0.47 -35.46
C TYR B 51 -9.70 -0.66 -35.64
N TRP B 52 -10.82 -0.56 -34.94
CA TRP B 52 -11.84 -1.60 -34.90
C TRP B 52 -13.09 -1.13 -35.62
N LEU B 53 -13.73 -2.04 -36.34
CA LEU B 53 -15.00 -1.78 -36.99
C LEU B 53 -16.06 -2.68 -36.35
N HIS B 54 -17.09 -2.05 -35.81
CA HIS B 54 -18.15 -2.75 -35.10
C HIS B 54 -19.40 -2.81 -35.96
N TRP B 55 -20.21 -3.82 -35.72
CA TRP B 55 -21.48 -4.00 -36.40
C TRP B 55 -22.61 -3.95 -35.40
N ILE B 56 -23.59 -3.09 -35.65
CA ILE B 56 -24.71 -2.85 -34.75
C ILE B 56 -26.00 -3.11 -35.50
N LYS B 57 -26.93 -3.81 -34.87
CA LYS B 57 -28.22 -4.14 -35.45
C LYS B 57 -29.29 -3.27 -34.81
N GLN B 58 -30.27 -2.85 -35.62
CA GLN B 58 -31.41 -2.10 -35.11
C GLN B 58 -32.68 -2.61 -35.76
N ARG B 59 -33.57 -3.19 -34.97
CA ARG B 59 -34.88 -3.55 -35.45
C ARG B 59 -35.74 -2.30 -35.64
N PRO B 60 -36.76 -2.37 -36.50
CA PRO B 60 -37.43 -1.13 -36.96
C PRO B 60 -37.93 -0.18 -35.88
N GLY B 61 -38.44 -0.66 -34.75
CA GLY B 61 -38.88 0.29 -33.74
C GLY B 61 -38.12 0.20 -32.44
N GLN B 62 -37.11 -0.65 -32.42
CA GLN B 62 -36.42 -1.07 -31.21
C GLN B 62 -35.06 -0.37 -31.11
N GLY B 63 -34.25 -0.80 -30.15
CA GLY B 63 -32.99 -0.18 -29.85
C GLY B 63 -31.84 -0.69 -30.69
N LEU B 64 -30.64 -0.58 -30.11
CA LEU B 64 -29.40 -0.93 -30.78
C LEU B 64 -28.74 -2.08 -30.05
N GLU B 65 -28.19 -3.04 -30.78
CA GLU B 65 -27.46 -4.13 -30.15
C GLU B 65 -26.20 -4.48 -30.92
N TRP B 66 -25.09 -4.49 -30.21
CA TRP B 66 -23.76 -4.70 -30.78
C TRP B 66 -23.56 -6.17 -31.10
N ILE B 67 -23.07 -6.44 -32.31
CA ILE B 67 -22.86 -7.80 -32.79
C ILE B 67 -21.43 -8.27 -32.56
N GLY B 68 -20.46 -7.46 -32.97
CA GLY B 68 -19.06 -7.82 -32.83
C GLY B 68 -18.20 -6.84 -33.60
N TYR B 69 -16.90 -6.95 -33.40
CA TYR B 69 -15.95 -6.10 -34.11
C TYR B 69 -14.90 -6.94 -34.83
N ILE B 70 -14.39 -6.39 -35.92
CA ILE B 70 -13.31 -6.94 -36.71
C ILE B 70 -12.19 -5.91 -36.77
N SER B 71 -10.96 -6.38 -36.87
CA SER B 71 -9.84 -5.48 -37.08
C SER B 71 -9.33 -5.68 -38.50
N PRO B 72 -9.57 -4.74 -39.41
CA PRO B 72 -9.21 -4.98 -40.82
C PRO B 72 -7.74 -5.29 -41.03
N ASN B 73 -6.83 -4.66 -40.28
CA ASN B 73 -5.41 -4.88 -40.53
C ASN B 73 -4.69 -5.53 -39.35
N THR B 74 -5.42 -6.20 -38.46
CA THR B 74 -4.83 -7.00 -37.41
C THR B 74 -5.48 -8.38 -37.37
N GLY B 75 -6.75 -8.45 -37.79
CA GLY B 75 -7.48 -9.70 -37.82
C GLY B 75 -8.22 -10.06 -36.57
N SER B 76 -8.08 -9.27 -35.50
CA SER B 76 -8.72 -9.58 -34.24
C SER B 76 -10.23 -9.47 -34.34
N THR B 77 -10.94 -10.36 -33.66
CA THR B 77 -12.38 -10.35 -33.59
C THR B 77 -12.85 -10.45 -32.15
N GLU B 78 -14.05 -9.94 -31.91
CA GLU B 78 -14.87 -10.30 -30.77
C GLU B 78 -16.30 -10.38 -31.21
N TYR B 79 -17.06 -11.24 -30.56
CA TYR B 79 -18.48 -11.41 -30.83
C TYR B 79 -19.26 -11.28 -29.54
N SER B 80 -20.54 -10.97 -29.69
CA SER B 80 -21.45 -11.07 -28.56
C SER B 80 -21.96 -12.51 -28.46
N GLN B 81 -22.35 -12.90 -27.25
CA GLN B 81 -22.81 -14.27 -27.04
C GLN B 81 -24.06 -14.55 -27.85
N LYS B 82 -24.91 -13.54 -28.05
CA LYS B 82 -26.15 -13.73 -28.78
C LYS B 82 -25.89 -14.11 -30.23
N PHE B 83 -24.94 -13.44 -30.88
CA PHE B 83 -24.77 -13.56 -32.32
C PHE B 83 -23.65 -14.50 -32.73
N LYS B 84 -22.94 -15.09 -31.79
CA LYS B 84 -21.94 -16.08 -32.16
C LYS B 84 -22.60 -17.28 -32.81
N ASP B 85 -21.86 -17.94 -33.70
CA ASP B 85 -22.29 -19.11 -34.47
C ASP B 85 -23.32 -18.77 -35.54
N ARG B 86 -23.74 -17.52 -35.67
CA ARG B 86 -24.57 -17.09 -36.79
C ARG B 86 -23.92 -16.00 -37.62
N ALA B 87 -23.03 -15.21 -37.04
CA ALA B 87 -22.36 -14.12 -37.74
C ALA B 87 -20.89 -14.46 -37.95
N THR B 88 -20.36 -14.01 -39.08
CA THR B 88 -18.95 -14.17 -39.41
C THR B 88 -18.41 -12.83 -39.87
N LEU B 89 -17.29 -12.42 -39.30
CA LEU B 89 -16.64 -11.16 -39.66
C LEU B 89 -15.36 -11.44 -40.40
N THR B 90 -15.18 -10.78 -41.54
CA THR B 90 -14.02 -10.92 -42.39
C THR B 90 -13.53 -9.53 -42.75
N ALA B 91 -12.33 -9.44 -43.29
CA ALA B 91 -11.75 -8.15 -43.63
C ALA B 91 -10.82 -8.28 -44.82
N ASP B 92 -10.49 -7.13 -45.40
CA ASP B 92 -9.48 -7.02 -46.45
C ASP B 92 -8.54 -5.90 -46.05
N LYS B 93 -7.28 -6.23 -45.78
CA LYS B 93 -6.30 -5.24 -45.35
C LYS B 93 -6.08 -4.20 -46.42
N SER B 94 -5.93 -4.64 -47.67
CA SER B 94 -5.56 -3.73 -48.75
C SER B 94 -6.64 -2.69 -49.01
N SER B 95 -7.88 -3.13 -49.10
CA SER B 95 -9.00 -2.21 -49.31
C SER B 95 -9.57 -1.66 -48.02
N SER B 96 -9.05 -2.06 -46.87
CA SER B 96 -9.48 -1.56 -45.57
C SER B 96 -10.98 -1.74 -45.37
N THR B 97 -11.52 -2.87 -45.82
CA THR B 97 -12.94 -3.13 -45.78
C THR B 97 -13.24 -4.27 -44.82
N ALA B 98 -14.48 -4.30 -44.36
CA ALA B 98 -14.95 -5.31 -43.43
C ALA B 98 -16.22 -5.94 -43.97
N TYR B 99 -16.39 -7.23 -43.75
CA TYR B 99 -17.58 -7.95 -44.18
C TYR B 99 -18.22 -8.64 -42.99
N MET B 100 -19.54 -8.58 -42.92
CA MET B 100 -20.30 -9.28 -41.91
C MET B 100 -21.31 -10.13 -42.64
N GLN B 101 -21.37 -11.42 -42.31
CA GLN B 101 -22.23 -12.37 -42.98
C GLN B 101 -23.15 -12.99 -41.96
N LEU B 102 -24.43 -13.08 -42.29
CA LEU B 102 -25.43 -13.76 -41.47
C LEU B 102 -25.96 -14.96 -42.23
N SER B 103 -26.11 -16.08 -41.54
CA SER B 103 -26.59 -17.30 -42.15
C SER B 103 -27.84 -17.79 -41.44
N SER B 104 -28.60 -18.64 -42.15
CA SER B 104 -29.86 -19.16 -41.66
C SER B 104 -30.80 -18.02 -41.28
N LEU B 105 -31.02 -17.13 -42.24
CA LEU B 105 -31.80 -15.93 -41.99
C LEU B 105 -33.26 -16.27 -41.76
N THR B 106 -33.89 -15.51 -40.86
CA THR B 106 -35.31 -15.61 -40.58
C THR B 106 -35.88 -14.21 -40.52
N SER B 107 -37.20 -14.12 -40.44
CA SER B 107 -37.87 -12.82 -40.46
C SER B 107 -37.44 -11.93 -39.30
N GLU B 108 -36.86 -12.50 -38.26
CA GLU B 108 -36.40 -11.71 -37.13
C GLU B 108 -35.06 -11.03 -37.38
N ASP B 109 -34.40 -11.33 -38.50
CA ASP B 109 -33.14 -10.70 -38.83
C ASP B 109 -33.30 -9.50 -39.74
N SER B 110 -34.54 -9.18 -40.15
CA SER B 110 -34.81 -7.97 -40.89
C SER B 110 -34.55 -6.76 -40.01
N ALA B 111 -33.65 -5.89 -40.43
CA ALA B 111 -33.20 -4.81 -39.55
C ALA B 111 -32.46 -3.78 -40.40
N VAL B 112 -31.86 -2.81 -39.73
CA VAL B 112 -30.86 -1.94 -40.33
C VAL B 112 -29.58 -2.19 -39.57
N TYR B 113 -28.53 -2.57 -40.29
CA TYR B 113 -27.26 -2.94 -39.70
C TYR B 113 -26.27 -1.83 -39.96
N TYR B 114 -25.73 -1.28 -38.88
CA TYR B 114 -24.78 -0.18 -38.96
C TYR B 114 -23.37 -0.69 -38.77
N CYS B 115 -22.44 -0.04 -39.47
CA CYS B 115 -21.02 -0.19 -39.27
C CYS B 115 -20.54 1.03 -38.51
N ALA B 116 -19.87 0.81 -37.39
CA ALA B 116 -19.34 1.89 -36.59
C ALA B 116 -17.84 1.73 -36.43
N GLY B 117 -17.15 2.84 -36.25
CA GLY B 117 -15.72 2.84 -36.09
C GLY B 117 -15.30 3.48 -34.79
N SER B 118 -14.37 2.83 -34.09
CA SER B 118 -13.85 3.33 -32.82
C SER B 118 -12.57 4.11 -33.06
N ARG B 119 -12.16 4.82 -32.03
CA ARG B 119 -10.94 5.58 -32.01
C ARG B 119 -9.86 4.79 -31.25
N ILE B 120 -8.77 5.47 -30.87
CA ILE B 120 -7.54 4.79 -30.50
C ILE B 120 -7.72 3.85 -29.31
N THR B 121 -8.68 4.11 -28.43
CA THR B 121 -8.89 3.21 -27.31
C THR B 121 -9.75 2.02 -27.65
N GLY B 122 -10.55 2.11 -28.72
CA GLY B 122 -11.49 1.08 -29.07
C GLY B 122 -12.77 1.06 -28.27
N THR B 123 -13.03 2.10 -27.47
CA THR B 123 -14.14 2.10 -26.54
C THR B 123 -15.39 2.78 -27.04
N TRP B 124 -15.28 3.87 -27.79
CA TRP B 124 -16.42 4.68 -28.18
C TRP B 124 -16.58 4.68 -29.70
N PHE B 125 -17.82 4.57 -30.16
CA PHE B 125 -18.12 4.52 -31.58
C PHE B 125 -18.28 5.95 -32.08
N ALA B 126 -17.21 6.51 -32.66
CA ALA B 126 -17.23 7.90 -33.08
C ALA B 126 -17.64 8.10 -34.52
N TYR B 127 -17.60 7.07 -35.35
CA TYR B 127 -17.97 7.18 -36.75
C TYR B 127 -19.01 6.13 -37.07
N TRP B 128 -20.01 6.51 -37.87
CA TRP B 128 -21.10 5.63 -38.23
C TRP B 128 -21.34 5.68 -39.72
N GLY B 129 -21.71 4.54 -40.29
CA GLY B 129 -22.15 4.50 -41.66
C GLY B 129 -23.61 4.87 -41.79
N GLN B 130 -24.13 4.77 -43.00
CA GLN B 130 -25.53 5.05 -43.26
C GLN B 130 -26.44 3.87 -42.97
N GLY B 131 -25.88 2.70 -42.68
CA GLY B 131 -26.69 1.53 -42.40
C GLY B 131 -27.28 0.90 -43.64
N THR B 132 -27.43 -0.42 -43.64
CA THR B 132 -28.02 -1.14 -44.75
C THR B 132 -29.30 -1.80 -44.29
N LEU B 133 -30.33 -1.74 -45.12
CA LEU B 133 -31.63 -2.30 -44.78
C LEU B 133 -31.69 -3.73 -45.32
N VAL B 134 -31.92 -4.69 -44.44
CA VAL B 134 -32.00 -6.10 -44.81
C VAL B 134 -33.43 -6.56 -44.63
N THR B 135 -34.07 -6.97 -45.71
CA THR B 135 -35.42 -7.51 -45.69
C THR B 135 -35.37 -9.00 -45.96
N VAL B 136 -35.75 -9.79 -44.98
CA VAL B 136 -35.73 -11.25 -45.10
C VAL B 136 -37.15 -11.69 -45.41
N SER B 137 -37.42 -11.92 -46.69
CA SER B 137 -38.73 -12.38 -47.13
C SER B 137 -38.62 -13.39 -48.27
N ASP C 20 -23.20 -9.39 -20.76
CA ASP C 20 -23.31 -9.81 -19.37
C ASP C 20 -23.90 -8.71 -18.51
N VAL C 21 -23.37 -7.50 -18.66
CA VAL C 21 -23.94 -6.34 -17.96
C VAL C 21 -25.28 -6.01 -18.57
N LEU C 22 -26.29 -5.84 -17.71
CA LEU C 22 -27.62 -5.42 -18.14
C LEU C 22 -27.77 -3.92 -17.90
N MET C 23 -28.26 -3.22 -18.90
CA MET C 23 -28.32 -1.76 -18.86
C MET C 23 -29.77 -1.35 -19.02
N THR C 24 -30.27 -0.55 -18.08
CA THR C 24 -31.68 -0.19 -18.01
C THR C 24 -31.81 1.32 -18.12
N GLN C 25 -32.85 1.79 -18.81
CA GLN C 25 -33.02 3.21 -19.08
C GLN C 25 -34.40 3.65 -18.66
N THR C 26 -34.49 4.84 -18.07
CA THR C 26 -35.74 5.37 -17.56
C THR C 26 -35.84 6.86 -17.81
N PRO C 27 -36.99 7.34 -18.31
CA PRO C 27 -38.15 6.56 -18.75
C PRO C 27 -38.03 6.12 -20.22
N LEU C 28 -38.95 5.27 -20.65
CA LEU C 28 -38.94 4.84 -22.05
C LEU C 28 -39.33 5.98 -22.98
N SER C 29 -40.25 6.84 -22.56
CA SER C 29 -40.65 8.00 -23.33
C SER C 29 -40.77 9.19 -22.39
N LEU C 30 -40.63 10.38 -22.95
CA LEU C 30 -40.66 11.58 -22.12
C LEU C 30 -41.21 12.76 -22.90
N PRO C 31 -42.42 13.22 -22.58
CA PRO C 31 -42.93 14.45 -23.20
C PRO C 31 -42.37 15.69 -22.51
N VAL C 32 -42.14 16.72 -23.32
CA VAL C 32 -41.51 17.93 -22.81
C VAL C 32 -41.94 19.10 -23.69
N SER C 33 -42.11 20.26 -23.07
CA SER C 33 -42.33 21.49 -23.81
C SER C 33 -41.00 22.14 -24.13
N LEU C 34 -41.02 23.02 -25.13
CA LEU C 34 -39.79 23.67 -25.57
C LEU C 34 -39.20 24.51 -24.45
N GLY C 35 -37.87 24.46 -24.32
CA GLY C 35 -37.16 25.31 -23.40
C GLY C 35 -37.09 24.82 -21.97
N ASP C 36 -37.73 23.70 -21.66
CA ASP C 36 -37.68 23.15 -20.31
C ASP C 36 -36.40 22.33 -20.13
N GLN C 37 -36.27 21.73 -18.96
CA GLN C 37 -35.12 20.89 -18.63
C GLN C 37 -35.54 19.42 -18.60
N VAL C 38 -34.70 18.56 -19.15
CA VAL C 38 -34.99 17.13 -19.27
C VAL C 38 -33.92 16.35 -18.52
N SER C 39 -34.33 15.29 -17.83
CA SER C 39 -33.40 14.39 -17.14
C SER C 39 -33.70 12.96 -17.56
N ILE C 40 -32.66 12.23 -17.96
CA ILE C 40 -32.75 10.85 -18.41
C ILE C 40 -31.82 10.02 -17.54
N SER C 41 -32.29 8.86 -17.08
CA SER C 41 -31.52 8.05 -16.15
C SER C 41 -31.16 6.70 -16.78
N CYS C 42 -30.01 6.18 -16.39
CA CYS C 42 -29.52 4.88 -16.81
C CYS C 42 -28.95 4.16 -15.60
N ARG C 43 -29.18 2.86 -15.54
CA ARG C 43 -28.77 2.02 -14.43
C ARG C 43 -28.05 0.79 -14.97
N SER C 44 -27.04 0.33 -14.25
CA SER C 44 -26.27 -0.83 -14.67
C SER C 44 -26.27 -1.89 -13.59
N SER C 45 -26.31 -3.15 -14.01
CA SER C 45 -26.34 -4.26 -13.06
C SER C 45 -25.01 -4.40 -12.33
N GLN C 46 -23.94 -3.92 -12.96
CA GLN C 46 -22.58 -4.02 -12.38
C GLN C 46 -21.89 -2.66 -12.44
N SER C 47 -21.11 -2.31 -11.41
CA SER C 47 -20.40 -1.00 -11.42
C SER C 47 -19.42 -0.97 -12.61
N ILE C 48 -19.40 0.14 -13.35
CA ILE C 48 -18.50 0.25 -14.53
C ILE C 48 -17.29 1.14 -14.24
N VAL C 49 -17.10 1.55 -12.99
CA VAL C 49 -15.93 2.42 -12.64
C VAL C 49 -14.64 1.59 -12.68
N HIS C 50 -13.60 2.13 -13.31
CA HIS C 50 -12.25 1.52 -13.40
C HIS C 50 -11.46 1.87 -12.14
N ASN C 54 -11.60 6.17 -14.04
CA ASN C 54 -12.44 6.47 -15.24
C ASN C 54 -13.74 5.64 -15.22
N THR C 55 -14.84 6.22 -15.72
CA THR C 55 -16.14 5.51 -15.79
C THR C 55 -16.41 5.15 -17.25
N TYR C 56 -16.65 3.87 -17.55
CA TYR C 56 -16.88 3.41 -18.94
C TYR C 56 -18.35 3.52 -19.34
N LEU C 57 -18.82 4.74 -19.60
CA LEU C 57 -20.23 4.95 -20.03
C LEU C 57 -20.27 6.02 -21.11
N GLU C 58 -21.18 5.87 -22.08
CA GLU C 58 -21.34 6.82 -23.16
C GLU C 58 -22.82 7.04 -23.43
N TRP C 59 -23.12 8.20 -24.02
CA TRP C 59 -24.46 8.57 -24.43
C TRP C 59 -24.46 8.89 -25.91
N TYR C 60 -25.43 8.33 -26.63
CA TYR C 60 -25.59 8.48 -28.07
C TYR C 60 -26.95 9.06 -28.40
N LEU C 61 -26.99 9.90 -29.43
CA LEU C 61 -28.20 10.55 -29.92
C LEU C 61 -28.55 10.03 -31.31
N GLN C 62 -29.82 9.67 -31.52
CA GLN C 62 -30.29 9.25 -32.84
C GLN C 62 -31.57 9.99 -33.19
N LYS C 63 -31.47 10.88 -34.18
CA LYS C 63 -32.64 11.57 -34.70
C LYS C 63 -33.38 10.68 -35.70
N PRO C 64 -34.69 10.88 -35.86
CA PRO C 64 -35.53 9.82 -36.46
C PRO C 64 -35.09 9.33 -37.83
N GLY C 65 -34.62 10.21 -38.70
CA GLY C 65 -34.23 9.72 -40.00
C GLY C 65 -32.76 9.40 -40.18
N GLN C 66 -31.97 9.48 -39.12
CA GLN C 66 -30.52 9.52 -39.23
C GLN C 66 -29.90 8.33 -38.49
N SER C 67 -28.58 8.38 -38.37
CA SER C 67 -27.73 7.42 -37.71
C SER C 67 -27.35 7.91 -36.32
N PRO C 68 -27.00 7.00 -35.41
CA PRO C 68 -26.62 7.43 -34.07
C PRO C 68 -25.40 8.34 -34.10
N LYS C 69 -25.32 9.25 -33.12
CA LYS C 69 -24.19 10.16 -32.99
C LYS C 69 -23.69 10.15 -31.56
N LEU C 70 -22.38 9.99 -31.37
CA LEU C 70 -21.78 9.95 -30.01
C LEU C 70 -21.86 11.34 -29.37
N LEU C 71 -22.52 11.45 -28.20
CA LEU C 71 -22.68 12.76 -27.51
C LEU C 71 -21.73 12.91 -26.32
N ILE C 72 -21.70 11.92 -25.42
CA ILE C 72 -20.88 12.00 -24.17
C ILE C 72 -20.04 10.74 -24.02
N TYR C 73 -18.80 10.87 -23.56
CA TYR C 73 -17.91 9.71 -23.30
C TYR C 73 -17.25 9.88 -21.92
N TRP C 74 -16.78 8.79 -21.32
CA TRP C 74 -16.16 8.77 -19.96
C TRP C 74 -17.15 9.31 -18.91
N VAL C 75 -18.44 8.99 -19.05
CA VAL C 75 -19.56 9.37 -18.14
C VAL C 75 -19.94 10.86 -18.23
N SER C 76 -19.01 11.80 -18.02
CA SER C 76 -19.38 13.24 -18.03
C SER C 76 -18.62 14.08 -19.05
N ASN C 77 -17.76 13.47 -19.88
CA ASN C 77 -16.96 14.30 -20.83
C ASN C 77 -17.75 14.55 -22.12
N ARG C 78 -18.02 15.82 -22.44
CA ARG C 78 -18.79 16.21 -23.65
C ARG C 78 -17.94 16.02 -24.92
N PHE C 79 -18.59 15.76 -26.05
CA PHE C 79 -17.85 15.54 -27.31
C PHE C 79 -17.56 16.88 -28.00
N SER C 80 -16.82 16.84 -29.11
CA SER C 80 -16.48 18.05 -29.84
C SER C 80 -17.65 18.50 -30.70
N GLY C 81 -18.15 19.70 -30.44
CA GLY C 81 -19.23 20.27 -31.21
C GLY C 81 -20.60 20.18 -30.56
N VAL C 82 -20.77 19.30 -29.58
CA VAL C 82 -22.07 19.14 -28.93
C VAL C 82 -22.29 20.37 -28.05
N PRO C 83 -23.53 20.85 -27.92
CA PRO C 83 -23.76 22.07 -27.15
C PRO C 83 -23.50 21.89 -25.67
N ASP C 84 -23.52 23.02 -24.96
CA ASP C 84 -23.22 23.02 -23.53
C ASP C 84 -24.40 22.59 -22.68
N ARG C 85 -25.61 22.51 -23.25
CA ARG C 85 -26.77 22.15 -22.44
C ARG C 85 -26.80 20.69 -22.06
N PHE C 86 -26.03 19.84 -22.74
CA PHE C 86 -25.96 18.43 -22.39
C PHE C 86 -24.94 18.22 -21.28
N SER C 87 -25.34 17.52 -20.22
CA SER C 87 -24.46 17.25 -19.10
C SER C 87 -24.65 15.82 -18.63
N GLY C 88 -23.56 15.11 -18.41
CA GLY C 88 -23.60 13.75 -17.91
C GLY C 88 -23.00 13.67 -16.53
N SER C 89 -23.59 12.82 -15.69
CA SER C 89 -23.06 12.63 -14.35
C SER C 89 -23.47 11.24 -13.86
N GLY C 90 -22.95 10.87 -12.71
CA GLY C 90 -23.20 9.55 -12.14
C GLY C 90 -21.92 9.03 -11.52
N SER C 91 -22.07 8.15 -10.53
CA SER C 91 -20.93 7.67 -9.76
C SER C 91 -20.72 6.17 -9.83
N GLY C 92 -21.74 5.38 -9.51
CA GLY C 92 -21.55 3.95 -9.40
C GLY C 92 -22.26 3.19 -10.49
N THR C 93 -23.42 2.63 -10.17
CA THR C 93 -24.28 1.97 -11.13
C THR C 93 -25.39 2.87 -11.64
N ASP C 94 -25.42 4.13 -11.22
CA ASP C 94 -26.48 5.06 -11.58
C ASP C 94 -25.89 6.25 -12.32
N PHE C 95 -26.44 6.56 -13.49
CA PHE C 95 -25.95 7.66 -14.31
C PHE C 95 -27.13 8.44 -14.85
N THR C 96 -26.88 9.69 -15.21
CA THR C 96 -27.93 10.56 -15.71
C THR C 96 -27.37 11.50 -16.77
N LEU C 97 -28.23 11.85 -17.72
CA LEU C 97 -27.96 12.85 -18.74
C LEU C 97 -29.04 13.92 -18.66
N LYS C 98 -28.62 15.18 -18.56
CA LYS C 98 -29.52 16.30 -18.35
C LYS C 98 -29.36 17.31 -19.48
N ILE C 99 -30.49 17.81 -19.97
CA ILE C 99 -30.52 18.87 -20.96
C ILE C 99 -31.13 20.10 -20.29
N SER C 100 -30.33 21.16 -20.17
CA SER C 100 -30.75 22.35 -19.43
C SER C 100 -31.92 23.04 -20.11
N ARG C 101 -31.89 23.17 -21.43
CA ARG C 101 -32.96 23.86 -22.16
C ARG C 101 -33.12 23.19 -23.51
N VAL C 102 -34.24 22.46 -23.68
CA VAL C 102 -34.50 21.82 -24.96
C VAL C 102 -34.72 22.88 -26.02
N GLU C 103 -34.11 22.67 -27.20
CA GLU C 103 -34.14 23.63 -28.28
C GLU C 103 -34.93 23.14 -29.48
N ALA C 104 -35.74 22.09 -29.31
CA ALA C 104 -36.65 21.57 -30.33
C ALA C 104 -35.91 20.90 -31.47
N GLU C 105 -34.59 21.04 -31.48
CA GLU C 105 -33.71 20.24 -32.32
C GLU C 105 -33.19 19.03 -31.57
N ASP C 106 -33.69 18.82 -30.36
CA ASP C 106 -33.25 17.74 -29.49
C ASP C 106 -34.20 16.56 -29.50
N LEU C 107 -35.18 16.56 -30.39
CA LEU C 107 -36.15 15.46 -30.48
C LEU C 107 -35.46 14.26 -31.10
N GLY C 108 -35.07 13.31 -30.26
CA GLY C 108 -34.43 12.11 -30.73
C GLY C 108 -34.62 10.99 -29.74
N VAL C 109 -33.82 9.94 -29.91
CA VAL C 109 -33.76 8.84 -28.95
C VAL C 109 -32.34 8.79 -28.40
N TYR C 110 -32.24 8.72 -27.08
CA TYR C 110 -30.96 8.77 -26.38
C TYR C 110 -30.66 7.41 -25.77
N TYR C 111 -29.45 6.90 -26.02
CA TYR C 111 -29.04 5.60 -25.54
C TYR C 111 -27.83 5.74 -24.63
N CYS C 112 -27.90 5.12 -23.45
CA CYS C 112 -26.71 4.91 -22.64
C CYS C 112 -26.04 3.61 -23.07
N PHE C 113 -24.75 3.50 -22.80
CA PHE C 113 -23.95 2.49 -23.47
C PHE C 113 -22.68 2.24 -22.65
N GLN C 114 -22.56 1.06 -22.05
CA GLN C 114 -21.37 0.75 -21.26
C GLN C 114 -20.22 0.32 -22.17
N GLY C 115 -19.04 0.80 -21.85
CA GLY C 115 -17.87 0.64 -22.67
C GLY C 115 -17.00 -0.53 -22.27
N SER C 116 -15.70 -0.37 -22.47
CA SER C 116 -14.75 -1.47 -22.50
C SER C 116 -14.63 -2.23 -21.19
N HIS C 117 -15.51 -1.95 -20.23
CA HIS C 117 -15.55 -2.80 -19.04
C HIS C 117 -15.95 -4.21 -19.44
N VAL C 118 -16.90 -4.32 -20.35
CA VAL C 118 -17.29 -5.57 -21.01
C VAL C 118 -17.52 -5.29 -22.48
N PRO C 119 -17.36 -6.30 -23.34
CA PRO C 119 -17.94 -6.17 -24.69
C PRO C 119 -19.29 -5.48 -24.64
N TRP C 120 -19.42 -4.46 -25.48
CA TRP C 120 -20.39 -3.40 -25.32
C TRP C 120 -21.83 -3.90 -25.30
N THR C 121 -22.66 -3.25 -24.50
CA THR C 121 -24.11 -3.43 -24.54
C THR C 121 -24.80 -2.08 -24.42
N PHE C 122 -25.94 -1.94 -25.09
CA PHE C 122 -26.68 -0.70 -25.15
C PHE C 122 -27.85 -0.72 -24.18
N GLY C 123 -28.37 0.48 -23.89
CA GLY C 123 -29.58 0.60 -23.13
C GLY C 123 -30.83 0.55 -24.00
N GLY C 124 -31.98 0.50 -23.34
CA GLY C 124 -33.24 0.40 -24.06
C GLY C 124 -33.57 1.62 -24.90
N GLY C 125 -33.16 2.80 -24.44
CA GLY C 125 -33.42 4.01 -25.20
C GLY C 125 -34.53 4.87 -24.63
N THR C 126 -34.30 6.17 -24.53
CA THR C 126 -35.28 7.11 -24.03
C THR C 126 -35.66 8.08 -25.15
N LYS C 127 -36.95 8.17 -25.45
CA LYS C 127 -37.43 8.98 -26.56
C LYS C 127 -38.05 10.26 -26.05
N LEU C 128 -37.63 11.39 -26.60
CA LEU C 128 -38.20 12.70 -26.29
C LEU C 128 -39.18 13.10 -27.37
N GLU C 129 -40.39 13.43 -26.98
CA GLU C 129 -41.41 13.94 -27.88
C GLU C 129 -41.80 15.33 -27.41
N ILE C 130 -41.47 16.34 -28.22
CA ILE C 130 -42.00 17.68 -27.95
C ILE C 130 -43.51 17.66 -28.10
N LYS C 131 -44.02 16.98 -29.12
CA LYS C 131 -45.44 16.79 -29.32
C LYS C 131 -45.73 15.40 -29.89
N ILE D 21 0.09 -18.67 44.29
CA ILE D 21 1.02 -18.30 43.22
C ILE D 21 2.40 -18.84 43.55
N GLN D 22 2.90 -19.72 42.69
CA GLN D 22 4.18 -20.39 42.89
C GLN D 22 5.05 -20.23 41.66
N LEU D 23 6.36 -20.14 41.89
CA LEU D 23 7.37 -20.27 40.84
C LEU D 23 8.41 -21.24 41.35
N VAL D 24 8.40 -22.46 40.80
CA VAL D 24 9.28 -23.53 41.25
C VAL D 24 10.34 -23.76 40.18
N GLN D 25 11.59 -23.88 40.63
CA GLN D 25 12.73 -24.05 39.73
C GLN D 25 13.30 -25.47 39.82
N SER D 26 14.25 -25.74 38.94
CA SER D 26 14.69 -27.11 38.67
C SER D 26 15.87 -27.54 39.54
N GLY D 27 15.74 -27.36 40.86
CA GLY D 27 16.67 -27.91 41.81
C GLY D 27 18.11 -27.52 41.57
N PRO D 28 19.04 -28.17 42.28
CA PRO D 28 20.45 -27.86 42.11
C PRO D 28 21.01 -28.50 40.85
N GLU D 29 22.03 -27.84 40.28
CA GLU D 29 22.60 -28.27 39.02
C GLU D 29 24.12 -28.21 39.08
N LEU D 30 24.74 -29.04 38.25
CA LEU D 30 26.20 -29.14 38.19
C LEU D 30 26.67 -29.27 36.75
N VAL D 37 23.54 -27.00 30.43
CA VAL D 37 22.82 -26.53 31.60
C VAL D 37 21.49 -25.88 31.22
N LYS D 38 20.44 -26.23 31.95
CA LYS D 38 19.11 -25.69 31.70
C LYS D 38 18.39 -25.55 33.02
N ILE D 39 17.95 -24.33 33.34
CA ILE D 39 17.17 -24.06 34.53
C ILE D 39 15.74 -23.82 34.07
N SER D 40 14.78 -24.43 34.75
CA SER D 40 13.38 -24.29 34.40
C SER D 40 12.64 -23.54 35.51
N CYS D 41 11.61 -22.79 35.12
CA CYS D 41 10.78 -22.06 36.07
C CYS D 41 9.33 -22.29 35.67
N LYS D 42 8.61 -23.05 36.50
CA LYS D 42 7.20 -23.33 36.25
C LYS D 42 6.34 -22.47 37.17
N ALA D 43 5.31 -21.87 36.61
CA ALA D 43 4.53 -20.86 37.29
C ALA D 43 3.09 -21.33 37.48
N SER D 44 2.56 -21.08 38.67
CA SER D 44 1.22 -21.51 39.02
C SER D 44 0.50 -20.36 39.71
N GLY D 45 -0.83 -20.38 39.64
CA GLY D 45 -1.66 -19.40 40.32
C GLY D 45 -2.01 -18.17 39.52
N TYR D 46 -1.45 -17.99 38.34
CA TYR D 46 -1.78 -16.84 37.51
C TYR D 46 -1.68 -17.26 36.05
N THR D 47 -2.41 -16.54 35.20
CA THR D 47 -2.37 -16.85 33.77
C THR D 47 -0.99 -16.52 33.22
N PHE D 48 -0.34 -17.52 32.64
CA PHE D 48 1.08 -17.43 32.38
C PHE D 48 1.42 -16.40 31.32
N THR D 49 0.49 -16.13 30.40
CA THR D 49 0.78 -15.25 29.29
C THR D 49 0.62 -13.77 29.65
N ASN D 50 -0.01 -13.47 30.78
CA ASN D 50 -0.30 -12.08 31.15
C ASN D 50 0.96 -11.30 31.46
N TYR D 51 1.90 -11.92 32.17
CA TYR D 51 3.06 -11.21 32.71
C TYR D 51 4.35 -11.79 32.16
N GLY D 52 5.37 -10.93 32.06
CA GLY D 52 6.69 -11.36 31.65
C GLY D 52 7.49 -11.96 32.77
N MET D 53 8.61 -12.58 32.40
CA MET D 53 9.46 -13.29 33.34
C MET D 53 10.89 -12.79 33.25
N ASN D 54 11.51 -12.62 34.40
CA ASN D 54 12.85 -12.07 34.51
C ASN D 54 13.76 -13.08 35.17
N TRP D 55 15.05 -13.00 34.83
CA TRP D 55 16.06 -13.86 35.41
C TRP D 55 17.12 -12.96 36.04
N VAL D 56 17.53 -13.26 37.28
CA VAL D 56 18.63 -12.57 37.92
C VAL D 56 19.56 -13.61 38.52
N ARG D 57 20.81 -13.21 38.73
CA ARG D 57 21.82 -14.11 39.29
C ARG D 57 22.50 -13.45 40.48
N GLN D 58 22.81 -14.26 41.49
CA GLN D 58 23.46 -13.79 42.71
C GLN D 58 24.67 -14.68 42.96
N ALA D 59 25.86 -14.19 42.67
CA ALA D 59 27.09 -14.91 42.92
C ALA D 59 27.45 -14.82 44.40
N PRO D 60 28.16 -15.82 44.94
CA PRO D 60 28.50 -15.80 46.37
C PRO D 60 29.30 -14.59 46.79
N GLY D 61 30.18 -14.09 45.93
CA GLY D 61 31.05 -12.99 46.29
C GLY D 61 30.56 -11.62 45.90
N LYS D 62 29.36 -11.50 45.35
CA LYS D 62 28.84 -10.21 44.91
C LYS D 62 27.34 -10.17 45.22
N GLY D 63 26.66 -9.18 44.64
CA GLY D 63 25.24 -8.99 44.83
C GLY D 63 24.43 -9.40 43.61
N LEU D 64 23.15 -9.03 43.65
CA LEU D 64 22.21 -9.39 42.61
C LEU D 64 22.55 -8.71 41.29
N LYS D 65 22.30 -9.41 40.19
CA LYS D 65 22.52 -8.87 38.86
C LYS D 65 21.37 -9.29 37.96
N TRP D 66 20.67 -8.32 37.40
CA TRP D 66 19.62 -8.60 36.43
C TRP D 66 20.24 -9.08 35.13
N MET D 67 19.69 -10.15 34.55
CA MET D 67 20.24 -10.70 33.32
C MET D 67 19.40 -10.41 32.09
N GLY D 68 18.09 -10.37 32.22
CA GLY D 68 17.23 -10.13 31.08
C GLY D 68 15.83 -10.62 31.37
N TRP D 69 14.97 -10.46 30.38
CA TRP D 69 13.59 -10.86 30.53
C TRP D 69 13.06 -11.36 29.19
N ILE D 70 11.93 -12.04 29.24
CA ILE D 70 11.24 -12.56 28.06
C ILE D 70 9.77 -12.18 28.13
N ASN D 71 9.22 -11.78 26.99
CA ASN D 71 7.80 -11.47 26.89
C ASN D 71 7.03 -12.77 26.71
N THR D 72 6.24 -13.15 27.70
CA THR D 72 5.57 -14.44 27.67
C THR D 72 4.37 -14.48 26.73
N TYR D 73 4.08 -13.38 26.05
CA TYR D 73 3.03 -13.35 25.02
C TYR D 73 3.63 -13.54 23.63
N THR D 74 4.59 -12.70 23.26
CA THR D 74 5.21 -12.77 21.95
C THR D 74 6.48 -13.61 21.95
N GLY D 75 7.03 -13.95 23.11
CA GLY D 75 8.22 -14.75 23.17
C GLY D 75 9.52 -14.01 22.90
N GLU D 76 9.49 -12.68 22.88
CA GLU D 76 10.65 -11.90 22.49
C GLU D 76 11.47 -11.52 23.72
N PRO D 77 12.67 -12.07 23.90
CA PRO D 77 13.49 -11.70 25.05
C PRO D 77 14.48 -10.59 24.70
N THR D 78 14.89 -9.89 25.75
CA THR D 78 16.02 -8.97 25.65
C THR D 78 17.03 -9.34 26.72
N TYR D 79 18.31 -9.19 26.39
CA TYR D 79 19.39 -9.54 27.30
C TYR D 79 20.20 -8.30 27.64
N ALA D 80 20.79 -8.31 28.82
CA ALA D 80 21.73 -7.28 29.19
C ALA D 80 22.98 -7.38 28.31
N ASP D 81 23.73 -6.28 28.24
CA ASP D 81 24.87 -6.22 27.32
C ASP D 81 25.91 -7.28 27.67
N ASP D 82 26.15 -7.50 28.95
CA ASP D 82 27.17 -8.45 29.38
C ASP D 82 26.66 -9.89 29.52
N PHE D 83 25.41 -10.16 29.14
CA PHE D 83 24.89 -11.52 29.07
C PHE D 83 24.54 -11.93 27.64
N LYS D 84 24.97 -11.16 26.65
CA LYS D 84 24.62 -11.46 25.26
C LYS D 84 25.37 -12.69 24.76
N GLY D 85 24.71 -13.45 23.89
CA GLY D 85 25.34 -14.56 23.20
C GLY D 85 25.27 -15.90 23.90
N ARG D 86 25.84 -15.97 25.10
CA ARG D 86 25.98 -17.26 25.78
C ARG D 86 24.65 -17.76 26.33
N PHE D 87 23.74 -16.87 26.70
CA PHE D 87 22.48 -17.23 27.33
C PHE D 87 21.31 -16.97 26.41
N ALA D 88 20.28 -17.80 26.53
CA ALA D 88 19.04 -17.63 25.79
C ALA D 88 17.86 -18.03 26.65
N PHE D 89 16.74 -17.32 26.48
CA PHE D 89 15.49 -17.61 27.18
C PHE D 89 14.54 -18.34 26.24
N SER D 90 13.84 -19.34 26.77
CA SER D 90 12.90 -20.12 25.98
C SER D 90 11.60 -20.29 26.76
N LEU D 91 10.52 -20.46 26.01
CA LEU D 91 9.19 -20.59 26.55
C LEU D 91 8.63 -21.97 26.25
N GLU D 92 7.88 -22.53 27.19
CA GLU D 92 7.24 -23.83 27.03
C GLU D 92 5.83 -23.79 27.58
N THR D 93 5.09 -22.73 27.24
CA THR D 93 3.73 -22.55 27.72
C THR D 93 2.80 -23.65 27.21
N ALA D 98 3.28 -22.52 31.07
CA ALA D 98 3.54 -22.37 32.50
C ALA D 98 4.90 -22.96 32.84
N TYR D 99 5.89 -22.72 31.99
CA TYR D 99 7.18 -23.39 32.12
C TYR D 99 8.17 -22.63 31.26
N LEU D 100 9.25 -22.15 31.86
CA LEU D 100 10.16 -21.24 31.17
C LEU D 100 11.60 -21.60 31.54
N GLN D 101 12.48 -21.64 30.53
CA GLN D 101 13.82 -22.17 30.65
C GLN D 101 14.88 -21.11 30.38
N ILE D 102 16.02 -21.27 31.03
CA ILE D 102 17.24 -20.55 30.69
C ILE D 102 18.34 -21.56 30.40
N ASN D 103 19.15 -21.29 29.39
CA ASN D 103 20.30 -22.12 29.10
C ASN D 103 21.59 -21.37 29.34
N ASP D 109 30.46 -19.11 36.85
CA ASP D 109 29.03 -19.41 36.86
C ASP D 109 28.63 -20.17 38.10
N MET D 110 29.14 -19.73 39.25
CA MET D 110 28.81 -20.30 40.54
C MET D 110 27.59 -19.64 41.18
N ALA D 111 26.95 -18.72 40.47
CA ALA D 111 25.84 -17.97 41.04
C ALA D 111 24.59 -18.83 41.13
N THR D 112 23.65 -18.39 41.95
CA THR D 112 22.33 -18.97 42.03
C THR D 112 21.37 -18.09 41.25
N TYR D 113 20.52 -18.73 40.44
CA TYR D 113 19.71 -18.00 39.47
C TYR D 113 18.25 -18.01 39.91
N PHE D 114 17.64 -16.82 39.89
CA PHE D 114 16.26 -16.63 40.27
C PHE D 114 15.44 -16.21 39.06
N CYS D 115 14.25 -16.80 38.93
CA CYS D 115 13.22 -16.34 38.03
C CYS D 115 12.20 -15.56 38.84
N ALA D 116 11.78 -14.42 38.31
CA ALA D 116 10.85 -13.55 39.00
C ALA D 116 9.81 -13.04 38.02
N ARG D 117 8.57 -12.99 38.48
CA ARG D 117 7.48 -12.47 37.68
C ARG D 117 7.47 -10.95 37.78
N VAL D 118 7.24 -10.29 36.66
CA VAL D 118 7.21 -8.83 36.61
C VAL D 118 5.77 -8.37 36.39
N TRP D 119 5.36 -7.36 37.16
CA TRP D 119 4.01 -6.84 37.13
C TRP D 119 3.80 -5.91 35.94
N ASN D 120 2.54 -5.57 35.69
CA ASN D 120 2.20 -4.73 34.54
C ASN D 120 2.54 -3.26 34.76
N TYR D 121 2.49 -2.78 35.99
CA TYR D 121 2.67 -1.35 36.22
C TYR D 121 3.15 -1.11 37.64
N ASP D 122 3.89 -0.03 37.82
CA ASP D 122 4.20 0.60 39.11
C ASP D 122 5.21 -0.16 39.95
N TYR D 123 5.54 -1.40 39.61
CA TYR D 123 6.58 -2.11 40.34
C TYR D 123 6.98 -3.34 39.57
N TYR D 124 8.18 -3.84 39.86
CA TYR D 124 8.74 -4.89 39.02
C TYR D 124 8.55 -6.32 39.51
N PHE D 125 9.20 -6.72 40.60
CA PHE D 125 9.37 -8.14 40.89
C PHE D 125 8.50 -8.52 42.09
N ASP D 126 7.34 -9.07 41.81
CA ASP D 126 6.35 -9.37 42.84
C ASP D 126 6.55 -10.72 43.49
N TYR D 127 6.85 -11.76 42.70
CA TYR D 127 7.08 -13.11 43.20
C TYR D 127 8.35 -13.68 42.61
N TRP D 128 9.02 -14.53 43.39
CA TRP D 128 10.32 -15.06 43.02
C TRP D 128 10.35 -16.57 43.18
N GLY D 129 11.15 -17.22 42.35
CA GLY D 129 11.43 -18.62 42.57
C GLY D 129 12.52 -18.82 43.60
N GLN D 130 12.60 -20.03 44.16
CA GLN D 130 13.50 -20.23 45.28
C GLN D 130 14.97 -20.29 44.87
N GLY D 131 15.26 -20.31 43.58
CA GLY D 131 16.65 -20.30 43.19
C GLY D 131 17.17 -21.67 42.81
N THR D 132 18.19 -21.69 41.96
CA THR D 132 18.91 -22.91 41.60
C THR D 132 20.39 -22.64 41.72
N THR D 133 21.09 -23.49 42.47
CA THR D 133 22.50 -23.31 42.75
C THR D 133 23.34 -24.05 41.71
N LEU D 134 24.17 -23.33 40.97
CA LEU D 134 24.97 -23.89 39.90
C LEU D 134 26.43 -23.98 40.32
N THR D 135 27.01 -25.17 40.18
CA THR D 135 28.41 -25.40 40.52
C THR D 135 29.18 -25.98 39.34
N VAL E 21 23.82 3.06 34.50
CA VAL E 21 23.58 3.52 35.86
C VAL E 21 24.32 2.62 36.85
N LEU E 22 25.06 3.23 37.76
CA LEU E 22 25.76 2.51 38.81
C LEU E 22 25.43 3.15 40.15
N MET E 23 25.22 2.32 41.17
CA MET E 23 24.84 2.82 42.47
C MET E 23 25.78 2.30 43.56
N THR E 24 25.80 3.02 44.67
CA THR E 24 26.51 2.64 45.87
C THR E 24 25.55 2.73 47.04
N GLN E 25 25.80 1.92 48.06
CA GLN E 25 25.03 1.95 49.29
C GLN E 25 25.97 2.16 50.47
N THR E 26 25.48 2.87 51.48
CA THR E 26 26.30 3.20 52.63
C THR E 26 25.41 3.29 53.85
N PRO E 27 25.78 2.64 54.97
CA PRO E 27 26.97 1.80 55.11
C PRO E 27 26.75 0.37 54.65
N LEU E 28 27.85 -0.37 54.43
CA LEU E 28 27.73 -1.76 54.02
C LEU E 28 27.09 -2.62 55.10
N SER E 29 27.47 -2.39 56.37
CA SER E 29 26.94 -3.17 57.48
C SER E 29 26.77 -2.27 58.68
N LEU E 30 25.56 -2.26 59.25
CA LEU E 30 25.28 -1.44 60.41
C LEU E 30 24.59 -2.28 61.49
N PRO E 31 25.05 -2.22 62.73
CA PRO E 31 24.38 -2.94 63.81
C PRO E 31 23.11 -2.23 64.26
N VAL E 32 22.28 -2.98 65.00
CA VAL E 32 21.05 -2.43 65.54
C VAL E 32 20.98 -2.66 67.04
N SER E 39 18.59 3.19 58.37
CA SER E 39 18.95 4.27 57.46
C SER E 39 19.90 3.78 56.38
N ILE E 40 19.34 3.49 55.20
CA ILE E 40 20.11 3.00 54.06
C ILE E 40 19.99 4.01 52.94
N SER E 41 21.12 4.43 52.40
CA SER E 41 21.17 5.45 51.37
C SER E 41 21.60 4.84 50.05
N CYS E 42 20.82 5.06 49.01
CA CYS E 42 21.15 4.60 47.67
C CYS E 42 21.43 5.84 46.82
N ARG E 43 22.61 5.89 46.22
CA ARG E 43 23.05 7.04 45.44
C ARG E 43 23.43 6.59 44.04
N SER E 44 23.10 7.40 43.04
CA SER E 44 23.29 7.04 41.65
C SER E 44 24.05 8.15 40.92
N SER E 45 24.74 7.77 39.84
CA SER E 45 25.44 8.75 39.04
C SER E 45 24.50 9.56 38.15
N GLN E 46 23.41 8.94 37.72
CA GLN E 46 22.48 9.54 36.78
C GLN E 46 21.12 9.67 37.44
N SER E 47 20.37 10.70 37.03
CA SER E 47 19.02 10.89 37.56
C SER E 47 18.14 9.70 37.20
N ILE E 48 17.31 9.26 38.16
CA ILE E 48 16.52 8.05 38.01
C ILE E 48 15.14 8.31 37.41
N VAL E 49 14.85 9.55 37.03
CA VAL E 49 13.52 9.85 36.48
C VAL E 49 13.42 9.30 35.06
N HIS E 50 12.38 8.52 34.81
CA HIS E 50 12.14 7.95 33.49
C HIS E 50 11.55 9.00 32.56
N SER E 51 11.60 8.70 31.26
CA SER E 51 11.08 9.62 30.25
C SER E 51 9.58 9.80 30.35
N ASN E 52 8.86 8.88 30.99
CA ASN E 52 7.42 9.02 31.16
C ASN E 52 7.05 9.87 32.36
N GLY E 53 8.04 10.34 33.13
CA GLY E 53 7.78 11.17 34.28
C GLY E 53 7.74 10.46 35.61
N ASN E 54 8.14 9.20 35.66
CA ASN E 54 8.11 8.40 36.88
C ASN E 54 9.52 7.99 37.27
N THR E 55 9.75 7.89 38.58
CA THR E 55 11.00 7.39 39.13
C THR E 55 10.77 5.97 39.64
N TYR E 56 11.39 5.01 38.98
CA TYR E 56 11.17 3.59 39.28
C TYR E 56 12.32 3.09 40.15
N LEU E 57 12.19 3.29 41.45
CA LEU E 57 13.17 2.81 42.42
C LEU E 57 12.46 2.01 43.51
N GLU E 58 13.08 0.90 43.88
CA GLU E 58 12.47 -0.09 44.76
C GLU E 58 13.49 -0.57 45.77
N TRP E 59 12.99 -1.10 46.89
CA TRP E 59 13.83 -1.69 47.91
C TRP E 59 13.38 -3.12 48.18
N TYR E 60 14.32 -4.05 48.08
CA TYR E 60 14.07 -5.47 48.30
C TYR E 60 14.82 -5.95 49.53
N LEU E 61 14.19 -6.81 50.31
CA LEU E 61 14.81 -7.41 51.47
C LEU E 61 15.00 -8.90 51.23
N GLN E 62 16.22 -9.39 51.46
CA GLN E 62 16.54 -10.80 51.25
C GLN E 62 17.02 -11.40 52.56
N LYS E 63 16.29 -12.38 53.07
CA LYS E 63 16.69 -13.12 54.25
C LYS E 63 17.82 -14.08 53.90
N PRO E 64 18.59 -14.52 54.90
CA PRO E 64 19.71 -15.42 54.59
C PRO E 64 19.21 -16.80 54.17
N GLY E 65 19.51 -17.17 52.93
CA GLY E 65 19.08 -18.44 52.38
C GLY E 65 17.75 -18.42 51.66
N GLN E 66 17.15 -17.24 51.47
CA GLN E 66 15.88 -17.11 50.78
C GLN E 66 15.98 -16.06 49.70
N SER E 67 14.97 -15.92 48.99
CA SER E 67 14.83 -15.07 47.83
C SER E 67 14.44 -13.64 48.22
N PRO E 68 14.81 -12.64 47.42
CA PRO E 68 14.47 -11.26 47.77
C PRO E 68 12.96 -11.04 47.86
N LYS E 69 12.58 -10.10 48.72
CA LYS E 69 11.18 -9.75 48.92
C LYS E 69 11.00 -8.26 48.71
N LEU E 70 10.01 -7.88 47.91
CA LEU E 70 9.74 -6.48 47.64
C LEU E 70 9.15 -5.80 48.87
N LEU E 71 9.60 -4.58 49.15
CA LEU E 71 9.17 -3.84 50.32
C LEU E 71 8.35 -2.60 49.96
N ILE E 72 8.90 -1.67 49.19
CA ILE E 72 8.17 -0.47 48.78
C ILE E 72 8.18 -0.42 47.26
N TYR E 73 6.98 -0.40 46.66
CA TYR E 73 6.87 -0.69 45.25
C TYR E 73 7.33 0.44 44.35
N ARG E 74 7.45 1.65 44.90
CA ARG E 74 8.11 2.75 44.22
C ARG E 74 8.71 3.62 45.31
N VAL E 75 9.10 4.85 44.98
CA VAL E 75 9.73 5.67 46.00
C VAL E 75 8.66 6.13 46.98
N SER E 76 8.87 5.84 48.26
CA SER E 76 8.09 6.33 49.39
C SER E 76 6.72 5.66 49.56
N ASN E 77 6.33 4.72 48.69
CA ASN E 77 5.04 4.04 48.84
C ASN E 77 5.27 2.55 48.97
N ARG E 78 4.60 1.95 49.96
CA ARG E 78 4.92 0.61 50.42
C ARG E 78 4.12 -0.46 49.69
N PHE E 79 4.77 -1.59 49.43
CA PHE E 79 4.14 -2.74 48.78
C PHE E 79 3.27 -3.53 49.74
N SER E 80 3.64 -3.61 51.01
CA SER E 80 2.87 -4.35 52.01
C SER E 80 3.27 -3.96 53.42
N PHE E 86 8.73 0.74 58.55
CA PHE E 86 9.32 0.86 57.22
C PHE E 86 8.92 2.16 56.53
N SER E 87 8.42 2.03 55.30
CA SER E 87 7.93 3.16 54.51
C SER E 87 9.00 4.22 54.33
N GLY E 88 10.16 3.79 53.84
CA GLY E 88 11.23 4.73 53.54
C GLY E 88 10.90 5.62 52.35
N SER E 89 11.42 6.83 52.38
CA SER E 89 11.15 7.83 51.36
C SER E 89 12.42 8.48 50.89
N GLY E 90 12.39 8.96 49.65
CA GLY E 90 13.52 9.66 49.06
C GLY E 90 13.04 10.49 47.90
N SER E 91 13.97 11.27 47.33
CA SER E 91 13.65 12.10 46.18
C SER E 91 14.95 12.54 45.52
N GLY E 92 14.85 12.93 44.26
CA GLY E 92 16.03 13.41 43.60
C GLY E 92 17.00 12.28 43.27
N THR E 93 18.28 12.63 43.19
CA THR E 93 19.30 11.63 42.89
C THR E 93 19.53 10.69 44.06
N ASP E 94 19.66 11.24 45.26
CA ASP E 94 19.88 10.42 46.45
C ASP E 94 18.57 9.86 46.97
N PHE E 95 18.61 8.62 47.43
CA PHE E 95 17.43 7.93 47.92
C PHE E 95 17.72 7.31 49.28
N THR E 96 16.69 7.22 50.12
CA THR E 96 16.83 6.74 51.48
C THR E 96 15.66 5.84 51.86
N LEU E 97 15.95 4.89 52.76
CA LEU E 97 14.95 4.00 53.36
C LEU E 97 15.12 4.01 54.87
N LYS E 98 13.99 4.06 55.58
CA LYS E 98 13.99 4.24 57.03
C LYS E 98 13.35 3.03 57.68
N ILE E 99 14.01 2.51 58.72
CA ILE E 99 13.56 1.32 59.45
C ILE E 99 13.44 0.13 58.51
N ASP E 106 12.97 -7.20 59.03
CA ASP E 106 13.87 -7.43 60.15
C ASP E 106 15.31 -7.54 59.69
N LEU E 107 16.04 -8.51 60.23
CA LEU E 107 17.41 -8.74 59.82
C LEU E 107 17.46 -9.28 58.40
N GLY E 108 18.44 -8.84 57.63
CA GLY E 108 18.55 -9.24 56.24
C GLY E 108 19.50 -8.32 55.50
N VAL E 109 19.45 -8.42 54.18
CA VAL E 109 20.23 -7.56 53.30
C VAL E 109 19.28 -6.80 52.39
N TYR E 110 19.48 -5.50 52.28
CA TYR E 110 18.59 -4.61 51.55
C TYR E 110 19.25 -4.15 50.26
N TYR E 111 18.53 -4.29 49.16
CA TYR E 111 19.02 -3.86 47.86
C TYR E 111 18.09 -2.77 47.30
N CYS E 112 18.68 -1.82 46.59
CA CYS E 112 17.96 -0.78 45.88
C CYS E 112 18.07 -1.05 44.39
N PHE E 113 16.96 -0.88 43.69
CA PHE E 113 16.85 -1.29 42.30
C PHE E 113 16.20 -0.18 41.49
N GLN E 114 16.69 0.05 40.28
CA GLN E 114 16.09 1.02 39.37
C GLN E 114 15.64 0.32 38.10
N GLY E 115 14.49 0.71 37.59
CA GLY E 115 13.99 0.13 36.37
C GLY E 115 13.78 1.17 35.29
N SER E 116 14.13 2.41 35.60
CA SER E 116 13.87 3.51 34.67
C SER E 116 14.82 3.50 33.49
N HIS E 117 16.06 3.09 33.68
CA HIS E 117 17.05 3.14 32.60
C HIS E 117 17.52 1.73 32.28
N VAL E 118 17.35 1.32 31.03
CA VAL E 118 17.85 0.03 30.56
C VAL E 118 19.36 0.11 30.41
N PRO E 119 20.13 -0.90 30.86
CA PRO E 119 19.68 -2.09 31.59
C PRO E 119 19.39 -1.80 33.05
N TRP E 120 18.46 -2.56 33.64
CA TRP E 120 18.10 -2.35 35.03
C TRP E 120 19.25 -2.77 35.94
N THR E 121 19.43 -2.02 37.02
CA THR E 121 20.62 -2.15 37.85
C THR E 121 20.22 -2.36 39.31
N PHE E 122 20.91 -3.29 39.97
CA PHE E 122 20.73 -3.54 41.39
C PHE E 122 21.80 -2.82 42.21
N GLY E 123 21.46 -2.55 43.46
CA GLY E 123 22.41 -1.94 44.38
C GLY E 123 23.41 -2.94 44.91
N GLY E 124 24.35 -2.41 45.69
CA GLY E 124 25.35 -3.27 46.31
C GLY E 124 24.76 -4.17 47.38
N GLY E 125 23.85 -3.64 48.17
CA GLY E 125 23.27 -4.40 49.25
C GLY E 125 23.81 -3.91 50.59
N THR E 126 22.96 -3.91 51.60
CA THR E 126 23.32 -3.43 52.93
C THR E 126 23.01 -4.51 53.95
N LYS E 127 24.05 -5.16 54.47
CA LYS E 127 23.86 -6.14 55.52
C LYS E 127 23.43 -5.44 56.80
N LEU E 128 22.46 -6.03 57.49
CA LEU E 128 22.00 -5.51 58.77
C LEU E 128 22.43 -6.48 59.86
N GLU E 129 23.27 -6.01 60.76
CA GLU E 129 23.84 -6.87 61.80
C GLU E 129 22.81 -7.18 62.88
N ILE E 130 22.98 -8.33 63.52
CA ILE E 130 22.06 -8.75 64.58
C ILE E 130 22.24 -7.89 65.83
N LYS E 131 23.48 -7.55 66.17
CA LYS E 131 23.76 -6.83 67.41
C LYS E 131 23.18 -5.42 67.38
CHA HEM F . 19.04 7.34 -7.19
CHB HEM F . 21.16 4.00 -9.96
CHC HEM F . 18.31 5.16 -13.68
CHD HEM F . 16.13 8.47 -10.92
C1A HEM F . 19.90 6.34 -7.58
C2A HEM F . 20.98 5.72 -6.83
C3A HEM F . 21.54 4.81 -7.63
C4A HEM F . 20.86 4.81 -8.89
CMA HEM F . 22.72 3.90 -7.25
CAA HEM F . 21.48 5.98 -5.39
CBA HEM F . 20.40 6.36 -4.38
CGA HEM F . 19.46 5.23 -4.13
O1A HEM F . 18.29 5.52 -3.76
O2A HEM F . 19.84 4.06 -4.29
C1B HEM F . 20.56 4.01 -11.18
C2B HEM F . 20.87 3.11 -12.27
C3B HEM F . 20.08 3.45 -13.30
C4B HEM F . 19.26 4.55 -12.90
CMB HEM F . 21.95 2.02 -12.17
CAB HEM F . 19.98 2.83 -14.72
CBB HEM F . 20.44 1.62 -15.01
C1C HEM F . 17.46 6.16 -13.26
C2C HEM F . 16.45 6.80 -14.04
C3C HEM F . 15.87 7.72 -13.28
C4C HEM F . 16.49 7.67 -11.97
CMC HEM F . 16.17 6.45 -15.52
CAC HEM F . 14.70 8.70 -13.58
CBC HEM F . 13.89 8.59 -14.63
C1D HEM F . 16.75 8.46 -9.68
C2D HEM F . 16.44 9.35 -8.60
C3D HEM F . 17.24 9.04 -7.59
C4D HEM F . 18.08 7.94 -7.97
CMD HEM F . 15.37 10.47 -8.62
CAD HEM F . 17.27 9.70 -6.20
CBD HEM F . 18.04 11.01 -6.22
CGD HEM F . 18.15 11.42 -4.79
O1D HEM F . 17.94 10.56 -3.91
O2D HEM F . 18.45 12.59 -4.51
NA HEM F . 19.87 5.76 -8.84
NB HEM F . 19.57 4.87 -11.59
NC HEM F . 17.46 6.71 -12.00
ND HEM F . 17.76 7.62 -9.27
FE HEM F . 18.62 6.18 -10.40
C3 PKZ G . 3.65 -2.17 -5.75
C1 PKZ G . 3.34 -1.13 -3.48
C10 PKZ G . 9.20 -2.57 -9.80
C8 PKZ G . 7.89 -0.44 -9.46
C7 PKZ G . 6.90 -0.97 -8.45
C5 PKZ G . 4.52 -0.74 -7.63
C11 PKZ G . 10.55 -3.23 -9.90
C13 PKZ G . 12.67 -3.52 -11.20
C16 PKZ G . 14.53 -1.99 -14.21
C15 PKZ G . 13.61 -2.01 -13.01
C14 PKZ G . 13.36 -3.39 -12.52
N1A PKZ G . 10.41 -15.35 13.05
C2A PKZ G . 10.90 -14.92 11.89
N3A PKZ G . 11.65 -13.87 11.62
C4A PKZ G . 11.92 -13.19 12.75
C5A PKZ G . 11.50 -13.50 14.02
C6A PKZ G . 10.70 -14.65 14.17
N6A PKZ G . 10.21 -15.06 15.34
N7A PKZ G . 11.96 -12.55 14.93
C8A PKZ G . 12.66 -11.72 14.20
N9A PKZ G . 12.66 -12.05 12.86
C1B PKZ G . 13.33 -11.34 11.78
C2B PKZ G . 14.59 -11.96 11.20
O2B PKZ G . 15.71 -11.86 12.06
C3B PKZ G . 14.73 -11.20 9.87
O3B PKZ G . 15.65 -10.11 9.93
P3B PKZ G . 17.19 -10.55 9.73
O7A PKZ G . 17.62 -11.32 10.96
O8A PKZ G . 17.97 -9.27 9.55
O9A PKZ G . 17.22 -11.42 8.48
C4B PKZ G . 13.32 -10.63 9.64
O4B PKZ G . 12.49 -11.23 10.66
C5B PKZ G . 12.74 -10.84 8.25
O5B PKZ G . 12.81 -12.24 7.89
P1A PKZ G . 13.05 -12.58 6.34
O1A PKZ G . 12.77 -14.02 6.09
O2A PKZ G . 14.38 -12.05 5.93
O3A PKZ G . 11.90 -11.71 5.65
P2A PKZ G . 11.80 -11.14 4.16
O4A PKZ G . 12.55 -12.05 3.25
O5A PKZ G . 12.15 -9.68 4.14
O6A PKZ G . 10.24 -11.31 3.82
CBP PKZ G . 7.99 -10.60 3.48
CCP PKZ G . 9.33 -10.22 4.08
CDP PKZ G . 8.18 -10.93 2.00
CEP PKZ G . 7.46 -11.83 4.20
CAP PKZ G . 6.98 -9.46 3.63
OAP PKZ G . 7.19 -8.79 4.85
C9P PKZ G . 7.02 -8.48 2.47
O9P PKZ G . 8.03 -7.82 2.25
N8P PKZ G . 5.91 -8.38 1.73
C7P PKZ G . 5.80 -7.59 0.53
C6P PKZ G . 5.54 -6.13 0.80
C5P PKZ G . 4.75 -5.55 -0.35
O5P PKZ G . 4.42 -6.25 -1.31
N4P PKZ G . 4.43 -4.26 -0.28
C3P PKZ G . 3.45 -3.62 -1.15
C2P PKZ G . 3.38 -2.13 -0.93
S1P PKZ G . 4.40 -1.18 -2.08
O1 PKZ G . 2.14 -1.11 -3.41
C2 PKZ G . 4.09 -1.12 -4.78
C4 PKZ G . 4.46 -2.12 -7.03
C6 PKZ G . 5.48 -0.59 -8.77
C9 PKZ G . 9.24 -1.11 -9.44
C12 PKZ G . 11.33 -2.86 -11.13
C3 PKZ H . 2.94 -18.05 -15.72
C1 PKZ H . 5.02 -17.40 -14.45
C10 PKZ H . -1.78 -12.73 -16.35
C8 PKZ H . 0.73 -12.86 -16.66
C7 PKZ H . 0.72 -14.27 -17.21
C5 PKZ H . 0.99 -16.76 -16.80
C11 PKZ H . -2.92 -12.66 -15.37
C13 PKZ H . -5.30 -13.31 -14.85
C16 PKZ H . -8.06 -12.91 -13.55
C15 PKZ H . -7.64 -14.13 -14.32
C14 PKZ H . -6.60 -13.88 -15.38
N1A PKZ H . 23.72 -22.81 -10.30
C2A PKZ H . 22.98 -22.17 -9.39
N3A PKZ H . 23.36 -21.31 -8.45
C4A PKZ H . 24.69 -21.11 -8.49
C5A PKZ H . 25.58 -21.69 -9.38
C6A PKZ H . 25.05 -22.59 -10.33
N6A PKZ H . 25.79 -23.22 -11.23
N7A PKZ H . 26.87 -21.25 -9.11
C8A PKZ H . 26.74 -20.42 -8.10
N9A PKZ H . 25.44 -20.30 -7.69
C1B PKZ H . 24.92 -19.48 -6.60
C2B PKZ H . 25.69 -18.19 -6.32
O2B PKZ H . 26.89 -18.36 -5.60
C3B PKZ H . 24.64 -17.36 -5.57
O3B PKZ H . 24.79 -17.42 -4.15
P3B PKZ H . 25.67 -16.18 -3.61
O7A PKZ H . 27.00 -16.17 -4.36
O8A PKZ H . 24.86 -14.94 -3.89
O9A PKZ H . 25.86 -16.41 -2.12
C4B PKZ H . 23.31 -18.00 -5.97
O4B PKZ H . 23.65 -19.02 -6.95
C5B PKZ H . 22.28 -17.06 -6.55
O5B PKZ H . 22.11 -15.94 -5.64
P1A PKZ H . 21.29 -16.14 -4.28
O1A PKZ H . 21.00 -14.82 -3.66
O2A PKZ H . 21.94 -17.18 -3.44
O3A PKZ H . 19.93 -16.73 -4.90
P2A PKZ H . 18.63 -15.95 -5.43
O4A PKZ H . 17.73 -15.67 -4.27
O5A PKZ H . 19.06 -14.78 -6.27
O6A PKZ H . 17.94 -17.03 -6.39
CBP PKZ H . 16.31 -17.21 -8.22
CCP PKZ H . 16.54 -16.85 -6.75
CDP PKZ H . 17.14 -16.25 -9.09
CEP PKZ H . 16.78 -18.65 -8.47
CAP PKZ H . 14.83 -17.06 -8.54
OAP PKZ H . 14.58 -15.68 -8.29
C9P PKZ H . 14.27 -17.45 -9.90
O9P PKZ H . 15.02 -17.94 -10.74
N8P PKZ H . 12.98 -17.22 -10.15
C7P PKZ H . 12.04 -16.66 -9.19
C6P PKZ H . 10.79 -16.08 -9.85
C5P PKZ H . 9.76 -17.07 -10.34
O5P PKZ H . 10.01 -18.27 -10.41
N4P PKZ H . 8.56 -16.57 -10.69
C3P PKZ H . 7.43 -17.41 -11.08
C2P PKZ H . 6.89 -17.05 -12.44
S1P PKZ H . 5.46 -18.07 -12.88
O1 PKZ H . 5.84 -17.14 -15.30
C2 PKZ H . 3.55 -17.21 -14.63
C4 PKZ H . 1.43 -17.87 -15.87
C6 PKZ H . 1.08 -15.36 -16.21
C9 PKZ H . -0.41 -12.56 -15.73
C12 PKZ H . -4.24 -13.13 -15.90
C3 PKZ I . 14.35 -6.99 -30.07
C10 PKZ I . 13.64 -3.39 -22.07
C8 PKZ I . 13.95 -3.89 -24.52
C7 PKZ I . 14.55 -4.87 -25.48
C5 PKZ I . 14.35 -6.01 -27.73
C11 PKZ I . 13.98 -3.80 -20.66
C13 PKZ I . 11.95 -5.22 -20.28
C16 PKZ I . 8.90 -7.20 -18.93
C15 PKZ I . 10.04 -6.80 -19.84
C14 PKZ I . 10.77 -5.55 -19.40
C2 PKZ I . 13.90 -6.83 -31.47
C4 PKZ I . 13.81 -5.94 -29.13
C6 PKZ I . 13.87 -4.91 -26.82
C9 PKZ I . 14.53 -3.97 -23.12
C12 PKZ I . 12.79 -4.07 -19.79
C01 AJP J . 20.11 18.32 -19.74
C02 AJP J . 18.89 17.96 -18.93
C03 AJP J . 18.04 16.90 -19.62
C04 AJP J . 16.57 17.26 -19.57
C05 AJP J . 16.32 18.58 -20.26
C06 AJP J . 14.94 19.19 -20.01
C07 AJP J . 14.18 18.97 -21.34
C08 AJP J . 15.07 17.93 -22.03
O09 AJP J . 16.39 18.36 -21.66
C10 AJP J . 14.86 18.13 -23.54
C11 AJP J . 13.71 19.15 -23.61
C12 AJP J . 13.96 20.08 -22.41
C13 AJP J . 12.71 20.94 -22.24
C14 AJP J . 12.39 21.70 -23.52
C15 AJP J . 12.25 20.80 -24.75
C16 AJP J . 13.48 19.90 -24.91
C17 AJP J . 13.30 18.93 -26.08
C18 AJP J . 12.97 19.65 -27.37
C19 AJP J . 11.74 20.51 -27.19
C20 AJP J . 11.91 21.56 -26.07
C21 AJP J . 10.61 22.38 -25.95
C22 AJP J . 9.47 21.91 -26.86
C23 AJP J . 9.91 21.82 -28.32
C24 AJP J . 11.25 21.13 -28.50
O25 AJP J . 8.90 21.07 -29.02
C26 AJP J . 8.02 21.80 -29.83
C27 AJP J . 7.11 20.81 -30.56
C28 AJP J . 5.78 21.46 -30.83
C29 AJP J . 6.00 22.94 -31.14
C30 AJP J . 6.51 23.66 -29.89
O31 AJP J . 7.25 22.72 -29.07
C32 AJP J . 7.45 24.79 -30.22
O33 AJP J . 6.82 25.75 -31.06
O34 AJP J . 4.77 23.52 -31.60
C35 AJP J . 4.20 22.97 -32.77
C36 AJP J . 4.79 23.68 -33.99
C37 AJP J . 4.17 23.09 -35.26
C38 AJP J . 2.65 23.11 -35.18
C39 AJP J . 2.12 22.54 -33.86
O40 AJP J . 2.80 23.16 -32.75
C41 AJP J . 2.30 21.04 -33.71
O42 AJP J . 1.76 20.57 -32.49
O43 AJP J . 2.08 22.39 -36.28
O44 AJP J . 4.64 21.74 -35.42
O54 AJP J . 6.21 23.49 -34.08
O77 AJP J . 4.93 21.33 -29.69
O78 AJP J . 6.93 19.63 -29.78
O79 AJP J . 8.95 20.66 -26.39
C80 AJP J . 13.03 22.53 -26.44
C81 AJP J . 15.19 20.97 -22.63
O82 AJP J . 16.05 18.60 -24.15
C83 AJP J . 14.88 20.60 -19.42
O84 AJP J . 17.30 19.55 -19.87
C85 AJP J . 18.03 19.18 -18.69
C01 AJP K . 17.28 24.11 -14.55
C02 AJP K . 16.28 23.15 -15.18
C03 AJP K . 16.74 22.64 -16.53
C04 AJP K . 16.83 23.82 -17.49
C05 AJP K . 15.53 24.59 -17.61
C06 AJP K . 14.43 23.94 -18.48
C07 AJP K . 14.68 24.55 -19.89
C08 AJP K . 16.00 25.33 -19.67
O09 AJP K . 15.85 25.78 -18.31
C10 AJP K . 15.99 26.47 -20.68
C11 AJP K . 14.78 26.17 -21.57
C12 AJP K . 13.75 25.58 -20.58
C13 AJP K . 12.62 25.00 -21.42
C14 AJP K . 12.01 26.03 -22.36
C15 AJP K . 13.04 26.71 -23.28
C16 AJP K . 14.23 27.26 -22.45
C17 AJP K . 15.30 27.83 -23.38
C18 AJP K . 14.74 28.89 -24.31
C19 AJP K . 13.58 28.35 -25.13
C20 AJP K . 12.44 27.76 -24.25
C21 AJP K . 11.42 27.15 -25.22
C22 AJP K . 10.85 28.16 -26.21
C23 AJP K . 11.95 28.84 -27.01
C24 AJP K . 13.07 29.39 -26.13
O25 AJP K . 11.44 29.95 -27.77
C26 AJP K . 10.77 29.75 -28.99
C27 AJP K . 11.78 29.64 -30.12
C28 AJP K . 11.07 29.55 -31.46
C29 AJP K . 10.11 30.72 -31.61
C30 AJP K . 9.14 30.76 -30.44
O31 AJP K . 9.89 30.86 -29.21
C32 AJP K . 8.22 31.96 -30.47
O33 AJP K . 7.34 31.97 -29.34
O34 AJP K . 9.38 30.56 -32.83
O77 AJP K . 10.36 28.31 -31.53
O78 AJP K . 12.63 28.50 -29.94
O79 AJP K . 9.90 27.51 -27.07
C80 AJP K . 11.75 28.90 -23.47
C81 AJP K . 13.20 26.67 -19.65
O82 AJP K . 15.93 27.75 -20.04
C83 AJP K . 13.00 23.92 -17.99
O84 AJP K . 14.99 24.89 -16.32
C85 AJP K . 14.94 23.82 -15.38
C01 AJP L . 15.81 25.41 -7.84
C02 AJP L . 14.54 24.80 -7.27
C03 AJP L . 14.31 23.39 -7.79
C04 AJP L . 14.02 23.39 -9.28
C05 AJP L . 12.96 24.41 -9.64
C06 AJP L . 11.82 23.89 -10.50
C07 AJP L . 12.01 24.58 -11.86
C08 AJP L . 13.49 25.02 -11.77
O09 AJP L . 13.59 25.44 -10.40
C10 AJP L . 13.61 26.24 -12.72
C11 AJP L . 12.23 26.33 -13.40
C12 AJP L . 11.25 25.86 -12.31
C13 AJP L . 9.91 25.63 -12.99
C14 AJP L . 9.42 26.88 -13.72
C15 AJP L . 10.45 27.42 -14.74
C16 AJP L . 11.83 27.62 -14.08
C17 AJP L . 12.86 28.06 -15.12
C18 AJP L . 12.41 29.30 -15.88
C19 AJP L . 11.06 29.08 -16.54
C20 AJP L . 9.97 28.69 -15.50
C21 AJP L . 8.65 28.39 -16.25
C22 AJP L . 8.63 28.81 -17.72
C23 AJP L . 9.23 30.19 -17.91
C24 AJP L . 10.66 30.28 -17.41
O25 AJP L . 9.17 30.55 -19.30
O79 AJP L . 9.31 27.82 -18.53
C80 AJP L . 9.71 29.86 -14.52
C81 AJP L . 11.10 26.91 -11.20
O82 AJP L . 13.94 27.42 -12.00
C83 AJP L . 10.41 23.90 -9.90
O84 AJP L . 12.40 24.95 -8.45
C85 AJP L . 13.34 25.65 -7.63
C01 AJP M . 15.12 11.03 -19.22
C02 AJP M . 15.01 11.62 -20.61
C03 AJP M . 13.94 10.93 -21.46
C04 AJP M . 14.45 10.65 -22.86
C05 AJP M . 15.17 11.84 -23.44
C06 AJP M . 14.31 13.09 -23.65
C07 AJP M . 14.01 13.11 -25.15
C08 AJP M . 14.46 11.70 -25.60
O09 AJP M . 15.61 11.48 -24.75
C10 AJP M . 14.86 11.85 -27.08
C11 AJP M . 14.41 13.27 -27.45
C12 AJP M . 14.71 14.06 -26.17
C13 AJP M . 14.05 15.43 -26.31
C14 AJP M . 14.54 16.14 -27.58
C15 AJP M . 14.30 15.32 -28.84
C16 AJP M . 14.93 13.92 -28.73
C17 AJP M . 14.60 13.07 -29.96
C18 AJP M . 14.97 13.78 -31.27
C19 AJP M . 14.30 15.14 -31.33
C20 AJP M . 14.73 16.03 -30.15
C21 AJP M . 14.07 17.42 -30.28
C22 AJP M . 13.08 17.54 -31.44
C23 AJP M . 13.70 17.13 -32.77
C24 AJP M . 14.47 15.83 -32.70
O25 AJP M . 12.63 17.04 -33.73
C26 AJP M . 12.94 16.73 -35.06
C27 AJP M . 11.65 16.74 -35.86
C28 AJP M . 11.92 17.08 -37.32
C29 AJP M . 13.30 16.59 -37.71
C30 AJP M . 14.38 17.33 -36.92
O31 AJP M . 13.86 17.68 -35.60
C32 AJP M . 15.65 16.53 -36.73
O33 AJP M . 15.40 15.22 -36.22
O34 AJP M . 13.52 16.82 -39.11
O77 AJP M . 11.83 18.50 -37.49
O78 AJP M . 10.72 17.67 -35.31
O79 AJP M . 11.88 16.79 -31.17
C80 AJP M . 16.26 16.25 -30.18
C81 AJP M . 16.22 14.22 -25.95
O82 AJP M . 16.25 11.63 -27.28
C83 AJP M . 14.80 14.39 -23.01
O84 AJP M . 16.28 12.21 -22.63
C85 AJP M . 16.32 11.54 -21.37
C01 AJP N . 22.98 7.68 -23.45
C02 AJP N . 22.95 9.18 -23.70
C03 AJP N . 21.61 9.81 -23.32
C04 AJP N . 20.56 9.49 -24.37
C05 AJP N . 20.97 10.03 -25.73
C06 AJP N . 20.13 11.20 -26.24
C07 AJP N . 19.33 10.61 -27.42
C08 AJP N . 19.47 9.09 -27.17
O09 AJP N . 20.82 8.98 -26.69
C10 AJP N . 19.32 8.43 -28.56
C11 AJP N . 18.94 9.60 -29.48
C12 AJP N . 19.71 10.81 -28.91
C13 AJP N . 19.13 12.06 -29.56
C14 AJP N . 19.22 11.98 -31.09
C15 AJP N . 18.56 10.72 -31.67
C16 AJP N . 19.09 9.44 -30.98
C17 AJP N . 18.34 8.22 -31.50
C18 AJP N . 18.38 8.11 -33.02
C19 AJP N . 17.84 9.38 -33.67
C20 AJP N . 18.62 10.65 -33.22
C21 AJP N . 17.99 11.89 -33.88
C22 AJP N . 16.85 11.61 -34.85
C23 AJP N . 17.20 10.50 -35.85
C24 AJP N . 17.77 9.25 -35.20
O25 AJP N . 16.02 10.14 -36.59
C26 AJP N . 15.42 11.11 -37.41
C27 AJP N . 14.15 10.52 -38.00
C28 AJP N . 13.51 11.51 -38.95
C29 AJP N . 14.52 11.92 -40.01
C30 AJP N . 15.78 12.48 -39.35
O31 AJP N . 16.32 11.49 -38.44
C32 AJP N . 16.87 12.82 -40.34
O33 AJP N . 17.26 11.67 -41.10
O34 AJP N . 13.93 12.93 -40.84
O77 AJP N . 13.06 12.64 -38.21
O78 AJP N . 13.24 10.17 -36.96
O79 AJP N . 15.65 11.29 -34.14
C80 AJP N . 20.09 10.55 -33.69
C81 AJP N . 21.22 10.70 -29.19
O82 AJP N . 20.52 7.80 -28.94
C83 AJP N . 20.84 12.53 -26.46
O84 AJP N . 22.33 10.46 -25.69
C85 AJP N . 23.23 9.48 -25.17
C01 AJP O . 24.11 4.49 -29.46
C02 AJP O . 23.58 5.51 -30.44
C03 AJP O . 22.06 5.45 -30.57
C04 AJP O . 21.60 6.48 -31.59
C05 AJP O . 22.29 6.32 -32.92
C06 AJP O . 21.99 7.40 -33.96
C07 AJP O . 21.06 6.71 -34.97
C08 AJP O . 20.64 5.45 -34.21
O09 AJP O . 21.85 5.09 -33.50
C10 AJP O . 20.29 4.40 -35.28
C11 AJP O . 20.36 5.18 -36.60
C12 AJP O . 21.52 6.17 -36.36
C13 AJP O . 21.50 7.18 -37.50
C14 AJP O . 21.58 6.49 -38.86
C15 AJP O . 20.49 5.43 -39.07
C16 AJP O . 20.46 4.41 -37.91
C17 AJP O . 19.28 3.44 -38.08
C18 AJP O . 19.30 2.76 -39.44
C19 AJP O . 19.30 3.78 -40.57
C20 AJP O . 20.51 4.75 -40.47
C21 AJP O . 20.37 5.79 -41.61
C22 AJP O . 20.30 5.13 -42.98
C23 AJP O . 19.13 4.16 -43.06
C24 AJP O . 19.18 3.13 -41.95
O25 AJP O . 19.15 3.51 -44.34
C26 AJP O . 18.12 2.58 -44.61
O79 AJP O . 20.16 6.16 -43.98
C80 AJP O . 21.83 3.98 -40.68
C81 AJP O . 22.88 5.46 -36.33
O82 AJP O . 21.18 3.29 -35.23
C83 AJP O . 23.16 8.20 -34.51
O84 AJP O . 23.72 6.30 -32.75
C85 AJP O . 24.17 5.32 -31.82
C01 AJP P . 23.87 -1.10 -26.09
C02 AJP P . 23.64 -0.25 -27.33
C03 AJP P . 22.40 0.62 -27.22
C04 AJP P . 21.23 -0.02 -27.94
C05 AJP P . 21.51 -0.15 -29.42
C06 AJP P . 21.18 1.09 -30.24
C07 AJP P . 19.81 0.77 -30.88
C08 AJP P . 19.39 -0.52 -30.12
O09 AJP P . 20.66 -1.17 -29.93
C10 AJP P . 18.47 -1.27 -31.08
C11 AJP P . 18.21 -0.26 -32.21
C12 AJP P . 19.57 0.43 -32.38
C13 AJP P . 19.38 1.64 -33.28
C14 AJP P . 18.73 1.25 -34.61
C15 AJP P . 17.40 0.52 -34.42
C16 AJP P . 17.56 -0.71 -33.51
C17 AJP P . 16.22 -1.39 -33.26
C18 AJP P . 15.48 -1.72 -34.55
C19 AJP P . 15.29 -0.47 -35.40
C20 AJP P . 16.64 0.22 -35.75
C21 AJP P . 16.37 1.52 -36.53
C22 AJP P . 14.93 1.73 -36.98
C23 AJP P . 14.33 0.46 -37.57
C24 AJP P . 14.41 -0.73 -36.63
O25 AJP P . 12.97 0.70 -37.94
O79 AJP P . 14.12 2.21 -35.88
C80 AJP P . 17.48 -0.72 -36.64
C81 AJP P . 20.62 -0.52 -32.98
O82 AJP P . 19.04 -2.49 -31.53
C83 AJP P . 22.26 1.65 -31.16
O84 AJP P . 22.88 -0.45 -29.65
C85 AJP P . 23.50 -1.13 -28.57
C01 AJP Q . 1.64 17.03 -0.83
C02 AJP Q . 1.74 18.02 -1.98
C03 AJP Q . 2.57 17.46 -3.15
C04 AJP Q . 3.70 18.41 -3.50
C05 AJP Q . 3.21 19.83 -3.73
C06 AJP Q . 2.34 20.00 -4.97
C07 AJP Q . 3.27 20.69 -5.99
C08 AJP Q . 4.65 20.51 -5.33
O09 AJP Q . 4.35 20.65 -3.94
C10 AJP Q . 5.52 21.67 -5.86
C11 AJP Q . 4.63 22.36 -6.92
C12 AJP Q . 3.21 22.21 -6.33
C13 AJP Q . 2.23 22.57 -7.44
C14 AJP Q . 2.49 23.99 -7.95
C15 AJP Q . 3.93 24.18 -8.45
C16 AJP Q . 4.96 23.77 -7.38
C17 AJP Q . 6.37 23.85 -7.95
C18 AJP Q . 6.68 25.24 -8.51
C19 AJP Q . 5.66 25.64 -9.57
C20 AJP Q . 4.21 25.61 -9.01
C21 AJP Q . 3.22 25.94 -10.15
C22 AJP Q . 3.84 26.51 -11.42
C23 AJP Q . 4.91 27.54 -11.10
C24 AJP Q . 6.03 26.98 -10.23
O25 AJP Q . 5.46 28.09 -12.31
O79 AJP Q . 4.38 25.46 -12.24
C80 AJP Q . 4.04 26.67 -7.91
C81 AJP Q . 3.00 23.12 -5.11
O82 AJP Q . 5.91 22.54 -4.81
C83 AJP Q . 0.95 20.61 -4.77
O84 AJP Q . 2.45 20.27 -2.60
C85 AJP Q . 2.37 19.33 -1.53
C01 AJP R . 11.50 -16.72 -15.29
C02 AJP R . 10.94 -17.41 -16.53
C03 AJP R . 11.04 -18.92 -16.43
C04 AJP R . 11.54 -19.52 -17.74
C05 AJP R . 10.84 -18.91 -18.94
C06 AJP R . 9.34 -19.18 -19.01
C07 AJP R . 9.19 -20.24 -20.12
C08 AJP R . 10.64 -20.73 -20.28
O09 AJP R . 11.39 -19.51 -20.11
C10 AJP R . 10.75 -21.28 -21.71
C11 AJP R . 9.31 -21.19 -22.25
C12 AJP R . 8.74 -19.92 -21.59
C13 AJP R . 7.25 -19.91 -21.83
C14 AJP R . 6.91 -20.00 -23.32
C15 AJP R . 7.55 -21.21 -24.01
C16 AJP R . 9.07 -21.27 -23.75
C17 AJP R . 9.65 -22.54 -24.35
C18 AJP R . 9.33 -22.67 -25.83
C19 AJP R . 7.83 -22.63 -26.08
C20 AJP R . 7.19 -21.33 -25.51
C21 AJP R . 5.65 -21.41 -25.69
C22 AJP R . 5.17 -22.40 -26.73
C23 AJP R . 6.10 -22.40 -27.95
C24 AJP R . 7.50 -22.87 -27.56
O25 AJP R . 5.55 -23.06 -29.10
C26 AJP R . 5.25 -24.43 -29.09
C27 AJP R . 4.28 -24.71 -30.24
C28 AJP R . 4.74 -25.93 -31.02
C29 AJP R . 5.08 -27.06 -30.05
C30 AJP R . 6.18 -26.64 -29.09
O31 AJP R . 6.42 -25.22 -29.23
C32 AJP R . 5.85 -26.90 -27.64
O33 AJP R . 5.61 -28.28 -27.40
O34 AJP R . 5.49 -28.20 -30.80
O77 AJP R . 5.89 -25.58 -31.79
O78 AJP R . 4.20 -23.57 -31.09
O79 AJP R . 5.04 -23.71 -26.16
C80 AJP R . 7.71 -20.10 -26.25
C81 AJP R . 9.38 -18.66 -22.16
O82 AJP R . 11.69 -20.54 -22.47
C83 AJP R . 8.40 -17.97 -19.07
O84 AJP R . 11.03 -17.49 -18.97
C85 AJP R . 11.64 -16.95 -17.79
C01 AJP S . -12.32 15.36 19.36
C02 AJP S . -12.54 15.57 20.85
C03 AJP S . -11.97 16.89 21.34
C04 AJP S . -11.72 16.81 22.83
C05 AJP S . -10.65 15.80 23.17
C06 AJP S . -10.74 15.20 24.57
C07 AJP S . -9.69 15.99 25.38
C08 AJP S . -9.37 17.15 24.43
O09 AJP S . -9.42 16.51 23.16
C10 AJP S . -7.94 17.60 24.79
C11 AJP S . -7.58 16.76 26.04
C12 AJP S . -8.30 15.42 25.79
C13 AJP S . -8.26 14.65 27.10
C14 AJP S . -6.83 14.46 27.61
C15 AJP S . -6.06 15.79 27.75
C16 AJP S . -6.12 16.62 26.45
C17 AJP S . -5.45 17.98 26.65
C18 AJP S . -4.02 17.83 27.14
C19 AJP S . -3.97 17.02 28.43
C20 AJP S . -4.60 15.61 28.27
C21 AJP S . -4.56 14.93 29.65
C22 AJP S . -3.15 14.82 30.19
C23 AJP S . -2.50 16.19 30.32
C24 AJP S . -2.55 16.96 29.01
C80 AJP S . -3.78 14.76 27.29
C81 AJP S . -7.60 14.62 24.69
O82 AJP S . -7.04 17.41 23.71
C83 AJP S . -10.72 13.67 24.70
O84 AJP S . -10.64 14.76 22.20
C85 AJP S . -11.93 14.43 21.66
C01 AJP T . 16.15 10.92 -15.78
C02 AJP T . 17.40 11.40 -15.06
C03 AJP T . 17.23 11.44 -13.55
C04 AJP T . 18.50 11.96 -12.93
C05 AJP T . 19.73 11.15 -13.31
C06 AJP T . 19.91 9.81 -12.57
C07 AJP T . 20.85 10.28 -11.45
C08 AJP T . 21.80 11.14 -12.27
O09 AJP T . 20.85 11.98 -12.95
C10 AJP T . 22.60 11.78 -11.13
C11 AJP T . 22.58 10.71 -10.01
C12 AJP T . 21.88 9.47 -10.62
C13 AJP T . 21.36 8.66 -9.45
C14 AJP T . 22.53 8.23 -8.56
C15 AJP T . 23.38 9.39 -8.04
C16 AJP T . 23.81 10.34 -9.19
C17 AJP T . 24.52 11.56 -8.61
C18 AJP T . 25.73 11.15 -7.76
C19 AJP T . 25.32 10.19 -6.65
C20 AJP T . 24.60 8.93 -7.19
C21 AJP T . 24.15 8.06 -5.99
C22 AJP T . 24.68 8.50 -4.63
C23 AJP T . 26.16 8.84 -4.66
C24 AJP T . 26.52 9.83 -5.76
O79 AJP T . 23.91 9.61 -4.12
C80 AJP T . 25.57 8.09 -8.04
C81 AJP T . 22.86 8.66 -11.47
O82 AJP T . 23.91 12.14 -11.56
C83 AJP T . 20.39 8.64 -13.42
O84 AJP T . 19.77 10.91 -14.72
C85 AJP T . 18.57 10.48 -15.34
C01 AJP U . 25.45 6.26 -13.37
C02 AJP U . 24.73 5.60 -12.20
C03 AJP U . 25.35 5.98 -10.86
C04 AJP U . 26.78 5.45 -10.83
C05 AJP U . 26.86 3.96 -11.06
C06 AJP U . 26.47 3.09 -9.85
C07 AJP U . 27.82 2.82 -9.15
C08 AJP U . 28.78 3.74 -9.93
O09 AJP U . 28.24 3.67 -11.26
C10 AJP U . 30.18 3.09 -9.83
C11 AJP U . 29.97 1.97 -8.79
C12 AJP U . 28.55 1.44 -9.12
C13 AJP U . 28.14 0.51 -8.00
C14 AJP U . 29.17 -0.58 -7.72
C15 AJP U . 30.57 -0.01 -7.44
C16 AJP U . 31.03 0.90 -8.61
C17 AJP U . 32.39 1.51 -8.35
C18 AJP U . 33.44 0.44 -7.99
C19 AJP U . 32.98 -0.36 -6.79
C20 AJP U . 31.63 -1.07 -7.04
C21 AJP U . 31.19 -1.80 -5.74
C22 AJP U . 32.22 -1.80 -4.62
C23 AJP U . 33.60 -2.18 -5.13
C24 AJP U . 34.08 -1.31 -6.27
O25 AJP U . 34.54 -2.14 -4.05
O79 AJP U . 32.24 -0.52 -3.96
C80 AJP U . 31.80 -2.14 -8.15
C81 AJP U . 28.54 0.69 -10.46
O82 AJP U . 30.64 2.63 -11.09
C83 AJP U . 25.56 1.88 -10.07
O84 AJP U . 26.11 3.57 -12.20
C85 AJP U . 24.78 4.10 -12.31
C01 AJP V . 16.91 17.91 -12.11
C02 AJP V . 18.29 17.34 -11.79
C03 AJP V . 18.27 15.84 -11.56
C04 AJP V . 18.26 15.53 -10.08
C05 AJP V . 19.51 16.03 -9.40
C06 AJP V . 20.71 15.08 -9.47
C07 AJP V . 20.86 14.56 -8.03
C08 AJP V . 19.50 14.95 -7.41
O09 AJP V . 19.23 16.22 -8.02
C10 AJP V . 19.77 15.10 -5.90
C11 AJP V . 21.21 14.61 -5.71
C12 AJP V . 21.91 15.10 -7.00
C13 AJP V . 23.28 14.44 -7.07
C14 AJP V . 24.10 14.72 -5.80
C15 AJP V . 23.37 14.29 -4.52
C16 AJP V . 21.97 14.92 -4.44
C17 AJP V . 21.22 14.41 -3.21
C18 AJP V . 22.03 14.61 -1.92
C19 AJP V . 23.39 13.94 -2.03
C20 AJP V . 24.21 14.48 -3.23
C21 AJP V . 25.55 13.72 -3.31
C22 AJP V . 25.81 12.73 -2.18
C23 AJP V . 25.53 13.35 -0.80
C24 AJP V . 24.17 14.01 -0.71
O79 AJP V . 25.04 11.53 -2.37
C80 AJP V . 24.53 15.97 -3.01
C81 AJP V . 22.06 16.63 -7.02
O82 AJP V . 19.56 16.43 -5.47
C83 AJP V . 21.97 15.58 -10.16
O84 AJP V . 19.94 17.25 -10.00
C85 AJP V . 18.89 18.02 -10.57
C01 AJP W . 18.45 23.13 -6.44
C02 AJP W . 19.71 22.60 -5.80
C03 AJP W . 20.02 21.16 -6.21
C04 AJP W . 19.77 20.21 -5.07
C05 AJP W . 20.64 20.53 -3.88
C06 AJP W . 22.10 20.09 -4.02
C07 AJP W . 22.29 19.02 -2.94
C08 AJP W . 20.83 18.60 -2.66
O09 AJP W . 20.13 19.85 -2.73
C10 AJP W . 20.83 18.05 -1.21
C11 AJP W . 22.31 18.06 -0.81
C12 AJP W . 22.89 19.30 -1.52
C13 AJP W . 24.41 19.21 -1.43
C14 AJP W . 24.87 19.13 0.03
C15 AJP W . 24.24 17.94 0.79
C16 AJP W . 22.69 17.96 0.66
C17 AJP W . 22.11 16.71 1.31
C18 AJP W . 22.56 16.54 2.76
C19 AJP W . 24.08 16.52 2.86
C20 AJP W . 24.72 17.80 2.26
C21 AJP W . 26.26 17.67 2.31
C22 AJP W . 26.79 16.51 3.15
C23 AJP W . 26.05 16.41 4.48
C24 AJP W . 24.54 16.24 4.30
O25 AJP W . 26.57 15.32 5.24
O79 AJP W . 26.73 15.28 2.42
C80 AJP W . 24.32 19.04 3.08
C81 AJP W . 22.39 20.60 -0.89
O82 AJP W . 20.02 18.84 -0.36
C83 AJP W . 23.16 21.18 -4.11
O84 AJP W . 20.68 21.93 -3.65
C85 AJP W . 19.61 22.65 -4.29
#